data_2RF4
#
_entry.id   2RF4
#
_cell.length_a   229.857
_cell.length_b   63.942
_cell.length_c   65.395
_cell.angle_alpha   90.00
_cell.angle_beta   90.00
_cell.angle_gamma   90.00
#
_symmetry.space_group_name_H-M   'P 21 21 2'
#
loop_
_entity.id
_entity.type
_entity.pdbx_description
1 polymer 'DNA-directed RNA polymerase I subunit RPA4'
2 polymer 'DNA-directed RNA polymerase I subunit RPA4'
#
loop_
_entity_poly.entity_id
_entity_poly.type
_entity_poly.pdbx_seq_one_letter_code
_entity_poly.pdbx_strand_id
1 'polypeptide(L)'
;(MSE)SQVKRANENRETARFIKKHKKQVTNPIDEKNGTSNCIVRVPIALYVSLAP(MSE)YLENPLQGV(MSE)KQHLNP
LV(MSE)KYNNKVGGVVLGYEGLKILDADPLSKEDTSEKLIKITPDTPFGFTWCHVNLYVWQPQVGDVLEGYIFIQSASH
IGLLIHDAFNASIKKNNIPVDWTFVHNDGNRSLGHWVDSNGEPIDGKLRFTVRNVHTTGRVVSVDGTLIS
;
A,C,E
2 'polypeptide(L)'
;MMKGSRRTGNNTATTLNTPVVIHATQLPQHVSTDEVLQFLESFIDEKENIIDIDTNLSSSISQLKRIQRDFKGLPPAQDF
SAAPIQV
;
B,D,F
#
# COMPACT_ATOMS: atom_id res chain seq x y z
N LYS A 22 11.76 -16.51 -26.02
CA LYS A 22 11.01 -17.29 -27.04
C LYS A 22 9.82 -16.47 -27.53
N GLN A 23 9.10 -16.98 -28.54
CA GLN A 23 8.03 -16.14 -29.07
C GLN A 23 6.72 -16.67 -29.64
N VAL A 24 5.62 -16.17 -29.07
CA VAL A 24 4.28 -16.43 -29.56
C VAL A 24 4.64 -15.04 -30.05
N THR A 25 4.54 -14.84 -31.35
CA THR A 25 4.89 -13.59 -32.01
C THR A 25 3.76 -12.63 -31.69
N ASN A 26 4.14 -11.38 -31.41
CA ASN A 26 3.17 -10.37 -31.06
C ASN A 26 2.66 -9.73 -32.34
N PRO A 27 1.36 -9.83 -32.60
CA PRO A 27 0.75 -9.25 -33.79
C PRO A 27 0.69 -7.73 -33.77
N ILE A 28 1.30 -7.09 -34.74
CA ILE A 28 1.26 -5.63 -34.84
C ILE A 28 -0.05 -5.39 -35.54
N ASP A 29 -0.98 -4.63 -34.95
CA ASP A 29 -2.25 -4.48 -35.65
C ASP A 29 -3.12 -3.26 -35.51
N GLU A 30 -4.25 -3.36 -36.22
CA GLU A 30 -5.28 -2.35 -36.24
C GLU A 30 -4.81 -0.96 -36.73
N LYS A 31 -5.39 0.07 -36.13
CA LYS A 31 -5.16 1.45 -36.43
C LYS A 31 -4.13 2.09 -35.47
N ASN A 32 -3.51 1.27 -34.63
CA ASN A 32 -2.51 1.80 -33.70
C ASN A 32 -1.08 1.47 -34.14
N GLY A 33 -0.94 0.64 -35.16
CA GLY A 33 0.38 0.28 -35.65
C GLY A 33 1.33 -0.20 -34.57
N THR A 34 0.78 -0.47 -33.38
CA THR A 34 1.54 -0.93 -32.21
C THR A 34 1.40 -2.43 -32.09
N SER A 35 2.43 -3.13 -31.65
CA SER A 35 2.29 -4.58 -31.54
C SER A 35 1.89 -5.12 -30.17
N ASN A 36 0.61 -5.45 -30.03
CA ASN A 36 0.08 -5.98 -28.77
C ASN A 36 1.05 -6.97 -28.13
N CYS A 37 1.41 -6.72 -26.87
CA CYS A 37 2.34 -7.59 -26.20
C CYS A 37 1.85 -8.33 -24.97
N ILE A 38 0.60 -8.08 -24.57
CA ILE A 38 0.04 -8.75 -23.41
C ILE A 38 -0.68 -10.04 -23.83
N VAL A 39 -0.27 -11.14 -23.21
CA VAL A 39 -0.81 -12.45 -23.51
C VAL A 39 -1.33 -13.09 -22.22
N ARG A 40 -2.38 -13.91 -22.33
CA ARG A 40 -2.94 -14.60 -21.17
C ARG A 40 -2.37 -16.00 -21.20
N VAL A 41 -1.80 -16.46 -20.09
CA VAL A 41 -1.21 -17.78 -20.11
C VAL A 41 -1.58 -18.71 -18.96
N PRO A 42 -2.42 -19.71 -19.25
CA PRO A 42 -2.82 -20.66 -18.20
C PRO A 42 -1.61 -21.49 -17.88
N ILE A 43 -1.41 -21.81 -16.61
CA ILE A 43 -0.29 -22.65 -16.21
C ILE A 43 -0.71 -23.42 -14.96
N ALA A 44 -0.14 -24.60 -14.79
CA ALA A 44 -0.41 -25.44 -13.63
C ALA A 44 0.92 -25.58 -12.99
N LEU A 45 1.00 -25.38 -11.67
CA LEU A 45 2.29 -25.50 -10.98
C LEU A 45 2.29 -26.32 -9.71
N TYR A 46 3.44 -26.95 -9.46
CA TYR A 46 3.66 -27.78 -8.27
C TYR A 46 4.47 -26.92 -7.33
N VAL A 47 3.79 -26.43 -6.30
CA VAL A 47 4.36 -25.52 -5.33
C VAL A 47 4.68 -26.10 -3.97
N SER A 48 5.75 -25.56 -3.39
CA SER A 48 6.24 -25.94 -2.09
C SER A 48 5.48 -25.15 -1.02
N LEU A 49 4.34 -25.67 -0.60
CA LEU A 49 3.51 -25.00 0.38
C LEU A 49 4.21 -24.89 1.73
N ALA A 50 4.01 -23.77 2.42
CA ALA A 50 4.63 -23.59 3.73
C ALA A 50 3.75 -24.27 4.77
N PRO A 51 4.35 -24.67 5.91
CA PRO A 51 3.63 -25.36 6.99
C PRO A 51 2.59 -24.43 7.61
N TYR A 53 0.82 -22.29 6.15
CA TYR A 53 -0.35 -22.14 5.30
C TYR A 53 -1.19 -23.38 5.06
N LEU A 54 -1.06 -24.40 5.89
CA LEU A 54 -1.87 -25.59 5.71
C LEU A 54 -3.27 -25.21 6.18
N GLU A 55 -4.27 -25.96 5.74
CA GLU A 55 -5.66 -25.69 6.09
C GLU A 55 -6.14 -24.42 5.36
N ASN A 56 -5.21 -23.76 4.65
CA ASN A 56 -5.47 -22.55 3.85
C ASN A 56 -4.32 -22.28 2.85
N PRO A 57 -4.07 -23.23 1.93
CA PRO A 57 -3.03 -23.19 0.91
C PRO A 57 -3.23 -22.14 -0.15
N LEU A 58 -4.47 -21.69 -0.31
CA LEU A 58 -4.79 -20.68 -1.29
C LEU A 58 -3.99 -19.43 -0.98
N GLN A 59 -4.09 -18.96 0.27
CA GLN A 59 -3.36 -17.78 0.68
C GLN A 59 -1.87 -18.07 0.71
N GLY A 60 -1.55 -19.36 0.77
CA GLY A 60 -0.15 -19.75 0.79
C GLY A 60 0.49 -19.62 -0.58
N VAL A 61 -0.14 -20.22 -1.59
CA VAL A 61 0.38 -20.18 -2.95
C VAL A 61 0.57 -18.76 -3.45
N LYS A 63 1.89 -16.48 -1.95
CA LYS A 63 3.14 -15.99 -1.39
C LYS A 63 4.22 -16.86 -2.05
N GLN A 64 3.89 -17.18 -3.32
CA GLN A 64 4.63 -17.98 -4.29
C GLN A 64 4.33 -17.26 -5.63
N HIS A 65 3.19 -16.56 -5.65
CA HIS A 65 2.65 -15.82 -6.78
C HIS A 65 2.72 -14.31 -6.71
N LEU A 66 2.24 -13.77 -5.59
CA LEU A 66 2.14 -12.34 -5.44
C LEU A 66 3.38 -11.55 -5.74
N ASN A 67 3.86 -10.84 -4.73
CA ASN A 67 5.06 -10.04 -4.87
C ASN A 67 6.04 -10.88 -5.69
N PRO A 68 6.25 -12.14 -5.25
CA PRO A 68 7.17 -12.98 -5.99
C PRO A 68 7.20 -12.66 -7.47
N LEU A 69 6.07 -12.77 -8.13
CA LEU A 69 6.04 -12.57 -9.57
C LEU A 69 5.50 -11.28 -10.13
N VAL A 70 4.47 -10.73 -9.51
CA VAL A 70 3.88 -9.51 -10.02
C VAL A 70 4.90 -8.42 -10.30
N LYS A 72 7.36 -8.36 -11.96
CA LYS A 72 8.74 -8.84 -12.04
C LYS A 72 8.87 -9.90 -13.14
N TYR A 73 9.70 -9.57 -14.13
CA TYR A 73 9.97 -10.45 -15.27
C TYR A 73 10.27 -11.88 -14.85
N ASN A 74 9.84 -12.84 -15.66
CA ASN A 74 10.08 -14.26 -15.40
C ASN A 74 10.53 -14.91 -16.71
N ASN A 75 11.41 -15.90 -16.61
CA ASN A 75 11.96 -16.61 -17.77
C ASN A 75 11.16 -17.76 -18.34
N LYS A 76 10.53 -18.56 -17.49
CA LYS A 76 9.75 -19.68 -17.97
C LYS A 76 8.64 -19.20 -18.92
N VAL A 77 8.08 -18.03 -18.65
CA VAL A 77 7.00 -17.48 -19.47
C VAL A 77 7.54 -16.26 -20.20
N GLY A 78 8.85 -16.10 -20.15
CA GLY A 78 9.50 -14.97 -20.80
C GLY A 78 8.75 -13.65 -20.90
N GLY A 79 8.38 -13.06 -19.77
CA GLY A 79 7.70 -11.77 -19.80
C GLY A 79 7.39 -11.25 -18.41
N VAL A 80 6.90 -10.02 -18.33
CA VAL A 80 6.54 -9.49 -17.02
C VAL A 80 5.22 -10.11 -16.63
N VAL A 81 5.10 -10.56 -15.39
CA VAL A 81 3.85 -11.12 -14.96
C VAL A 81 3.01 -9.99 -14.35
N LEU A 82 2.10 -9.43 -15.14
CA LEU A 82 1.25 -8.35 -14.67
C LEU A 82 0.37 -8.77 -13.50
N GLY A 83 -0.06 -10.02 -13.49
CA GLY A 83 -0.92 -10.49 -12.43
C GLY A 83 -1.50 -11.83 -12.81
N TYR A 84 -2.05 -12.53 -11.84
CA TYR A 84 -2.64 -13.83 -12.11
C TYR A 84 -4.14 -13.74 -11.87
N GLU A 85 -4.88 -14.67 -12.45
CA GLU A 85 -6.32 -14.67 -12.31
C GLU A 85 -6.84 -16.12 -12.19
N GLY A 86 -7.80 -16.34 -11.29
CA GLY A 86 -8.36 -17.67 -11.16
C GLY A 86 -7.58 -18.77 -10.46
N LEU A 87 -6.71 -18.40 -9.54
CA LEU A 87 -5.94 -19.38 -8.78
C LEU A 87 -6.91 -20.45 -8.26
N LYS A 88 -6.61 -21.71 -8.58
CA LYS A 88 -7.44 -22.84 -8.16
C LYS A 88 -6.50 -23.83 -7.51
N ILE A 89 -6.53 -23.91 -6.18
CA ILE A 89 -5.64 -24.82 -5.47
C ILE A 89 -6.26 -26.19 -5.54
N LEU A 90 -7.56 -26.20 -5.73
CA LEU A 90 -8.32 -27.43 -5.80
C LEU A 90 -7.58 -28.55 -6.56
N ASP A 91 -6.48 -28.24 -7.24
CA ASP A 91 -5.74 -29.27 -7.98
C ASP A 91 -5.15 -30.29 -7.03
N ALA A 92 -5.99 -30.79 -6.14
CA ALA A 92 -5.62 -31.80 -5.17
C ALA A 92 -6.91 -31.99 -4.41
N ASP A 93 -7.38 -33.22 -4.33
CA ASP A 93 -8.61 -33.49 -3.62
C ASP A 93 -8.98 -34.95 -3.67
N PRO A 94 -8.88 -35.65 -2.52
CA PRO A 94 -9.23 -37.07 -2.46
C PRO A 94 -10.75 -37.26 -2.55
N PRO A 112 0.90 -32.87 8.19
CA PRO A 112 1.29 -33.63 6.99
C PRO A 112 1.26 -32.77 5.71
N PHE A 113 1.65 -33.35 4.57
CA PHE A 113 1.55 -32.67 3.27
C PHE A 113 2.39 -31.56 2.58
N GLY A 114 3.67 -31.37 2.91
CA GLY A 114 4.46 -30.31 2.26
C GLY A 114 4.16 -29.62 0.92
N PHE A 115 3.82 -30.36 -0.13
CA PHE A 115 3.56 -29.76 -1.46
C PHE A 115 2.11 -29.77 -1.96
N THR A 116 1.86 -29.20 -3.15
CA THR A 116 0.52 -29.18 -3.76
C THR A 116 0.45 -28.65 -5.20
N TRP A 117 -0.52 -29.16 -5.95
CA TRP A 117 -0.73 -28.75 -7.33
C TRP A 117 -1.79 -27.63 -7.37
N CYS A 118 -1.61 -26.66 -8.25
CA CYS A 118 -2.59 -25.59 -8.35
C CYS A 118 -2.63 -25.10 -9.80
N HIS A 119 -3.71 -24.41 -10.17
CA HIS A 119 -3.79 -23.90 -11.54
C HIS A 119 -4.17 -22.41 -11.58
N VAL A 120 -3.46 -21.65 -12.39
CA VAL A 120 -3.77 -20.23 -12.50
C VAL A 120 -3.56 -19.72 -13.92
N ASN A 121 -4.02 -18.51 -14.18
CA ASN A 121 -3.85 -17.91 -15.48
C ASN A 121 -3.07 -16.63 -15.25
N LEU A 122 -1.88 -16.55 -15.84
CA LEU A 122 -1.06 -15.36 -15.70
C LEU A 122 -1.32 -14.45 -16.87
N TYR A 123 -1.06 -13.18 -16.69
CA TYR A 123 -1.18 -12.20 -17.77
C TYR A 123 0.25 -11.71 -17.92
N VAL A 124 0.79 -11.75 -19.13
CA VAL A 124 2.18 -11.40 -19.32
C VAL A 124 2.58 -10.37 -20.37
N TRP A 125 3.28 -9.32 -19.93
CA TRP A 125 3.81 -8.28 -20.82
C TRP A 125 4.98 -9.07 -21.36
N GLN A 126 4.93 -9.28 -22.66
CA GLN A 126 5.92 -10.10 -23.33
C GLN A 126 6.46 -9.42 -24.59
N PRO A 127 7.20 -8.31 -24.43
CA PRO A 127 7.72 -7.66 -25.62
C PRO A 127 8.88 -8.48 -26.17
N GLN A 128 8.99 -8.57 -27.49
CA GLN A 128 10.06 -9.32 -28.12
C GLN A 128 10.71 -8.45 -29.16
N VAL A 129 11.97 -8.77 -29.46
CA VAL A 129 12.73 -8.02 -30.45
C VAL A 129 11.93 -7.85 -31.73
N GLY A 130 11.97 -6.65 -32.29
CA GLY A 130 11.24 -6.40 -33.52
C GLY A 130 9.92 -5.73 -33.28
N ASP A 131 9.36 -5.90 -32.09
CA ASP A 131 8.06 -5.30 -31.78
C ASP A 131 8.01 -3.77 -31.82
N VAL A 132 6.88 -3.24 -32.28
CA VAL A 132 6.67 -1.80 -32.38
C VAL A 132 5.86 -1.29 -31.18
N LEU A 133 6.55 -0.69 -30.23
CA LEU A 133 5.94 -0.15 -29.01
C LEU A 133 5.83 1.38 -29.04
N GLU A 134 5.26 1.93 -27.98
CA GLU A 134 5.08 3.36 -27.87
C GLU A 134 5.34 3.74 -26.41
N GLY A 135 5.97 4.89 -26.19
CA GLY A 135 6.26 5.28 -24.82
C GLY A 135 6.32 6.77 -24.55
N TYR A 136 6.09 7.16 -23.30
CA TYR A 136 6.14 8.56 -22.93
C TYR A 136 7.58 8.94 -22.67
N ILE A 137 7.90 10.20 -22.94
CA ILE A 137 9.25 10.71 -22.73
C ILE A 137 9.43 10.97 -21.23
N PHE A 138 10.37 10.26 -20.63
CA PHE A 138 10.66 10.36 -19.20
C PHE A 138 11.83 11.28 -18.99
N ILE A 139 13.03 10.71 -19.10
CA ILE A 139 14.24 11.49 -18.93
C ILE A 139 15.16 11.57 -20.15
N GLN A 140 15.13 12.72 -20.82
CA GLN A 140 15.95 12.94 -21.99
C GLN A 140 17.28 13.61 -21.66
N SER A 141 18.32 13.21 -22.36
CA SER A 141 19.66 13.76 -22.18
C SER A 141 20.49 13.53 -23.44
N ALA A 142 21.28 14.51 -23.85
CA ALA A 142 22.13 14.32 -25.03
C ALA A 142 22.74 12.94 -24.88
N SER A 143 22.60 12.12 -25.91
CA SER A 143 23.12 10.75 -25.84
C SER A 143 22.18 9.97 -24.93
N HIS A 144 21.22 9.27 -25.55
CA HIS A 144 20.23 8.43 -24.86
C HIS A 144 18.90 9.00 -24.31
N ILE A 145 17.83 8.89 -25.09
CA ILE A 145 16.51 9.34 -24.63
C ILE A 145 15.85 8.22 -23.84
N GLY A 146 15.07 8.59 -22.83
CA GLY A 146 14.42 7.58 -22.01
C GLY A 146 12.91 7.65 -22.11
N LEU A 147 12.29 6.47 -22.15
CA LEU A 147 10.84 6.35 -22.26
C LEU A 147 10.23 5.42 -21.21
N LEU A 148 8.94 5.61 -20.97
CA LEU A 148 8.22 4.76 -20.04
C LEU A 148 7.04 4.25 -20.84
N ILE A 149 7.03 2.94 -21.09
CA ILE A 149 5.96 2.29 -21.84
C ILE A 149 4.80 2.02 -20.90
N HIS A 150 3.60 2.44 -21.30
CA HIS A 150 2.43 2.26 -20.45
C HIS A 150 2.73 2.92 -19.10
N ASP A 151 3.60 3.93 -19.14
CA ASP A 151 3.99 4.72 -17.97
C ASP A 151 4.60 3.86 -16.86
N ALA A 152 5.18 2.71 -17.19
CA ALA A 152 5.74 1.88 -16.15
C ALA A 152 6.90 0.97 -16.49
N PHE A 153 7.25 0.85 -17.77
CA PHE A 153 8.38 -0.01 -18.14
C PHE A 153 9.50 0.78 -18.80
N ASN A 154 10.71 0.55 -18.31
CA ASN A 154 11.89 1.27 -18.79
C ASN A 154 12.32 1.09 -20.23
N ALA A 155 12.12 2.12 -21.03
CA ALA A 155 12.50 2.09 -22.42
C ALA A 155 13.51 3.20 -22.68
N SER A 156 14.55 2.89 -23.46
CA SER A 156 15.60 3.86 -23.80
C SER A 156 16.17 3.63 -25.20
N ILE A 157 16.40 4.72 -25.93
CA ILE A 157 16.99 4.60 -27.26
C ILE A 157 18.33 5.32 -27.21
N LYS A 158 19.38 4.63 -27.64
CA LYS A 158 20.73 5.21 -27.64
C LYS A 158 20.83 6.35 -28.68
N LYS A 159 21.82 7.22 -28.48
CA LYS A 159 22.06 8.34 -29.40
C LYS A 159 22.14 7.80 -30.82
N ASN A 160 22.92 6.73 -30.99
CA ASN A 160 23.10 6.09 -32.28
C ASN A 160 21.76 6.00 -33.00
N ASN A 161 20.80 5.40 -32.32
CA ASN A 161 19.47 5.18 -32.86
C ASN A 161 18.53 6.37 -32.98
N ILE A 162 19.01 7.58 -32.69
CA ILE A 162 18.17 8.78 -32.80
C ILE A 162 18.30 9.35 -34.21
N PRO A 163 17.23 9.98 -34.74
CA PRO A 163 17.17 10.58 -36.08
C PRO A 163 18.41 11.18 -36.75
N VAL A 164 19.30 11.80 -35.97
CA VAL A 164 20.53 12.41 -36.51
C VAL A 164 20.31 13.80 -37.12
N ASP A 165 19.05 14.17 -37.31
CA ASP A 165 18.71 15.49 -37.84
C ASP A 165 17.99 16.15 -36.67
N TRP A 166 17.91 15.39 -35.58
CA TRP A 166 17.31 15.84 -34.34
C TRP A 166 18.41 16.55 -33.60
N THR A 167 18.10 17.72 -33.08
CA THR A 167 19.10 18.53 -32.37
C THR A 167 18.83 18.60 -30.86
N PHE A 168 19.88 18.51 -30.06
CA PHE A 168 19.76 18.58 -28.60
C PHE A 168 20.24 19.92 -28.05
N VAL A 169 19.30 20.72 -27.56
CA VAL A 169 19.65 22.02 -27.01
C VAL A 169 19.58 22.02 -25.49
N HIS A 170 20.55 22.66 -24.85
CA HIS A 170 20.60 22.76 -23.39
C HIS A 170 19.87 24.04 -22.97
N ASN A 171 19.44 24.14 -21.71
CA ASN A 171 18.68 25.33 -21.28
C ASN A 171 18.99 25.92 -19.90
N ASP A 172 17.96 26.55 -19.32
CA ASP A 172 18.03 27.20 -18.00
C ASP A 172 18.42 26.27 -16.86
N GLY A 173 19.05 25.15 -17.22
CA GLY A 173 19.50 24.19 -16.24
C GLY A 173 21.00 24.39 -16.12
N ASN A 174 21.74 23.81 -17.06
CA ASN A 174 23.20 23.93 -17.08
C ASN A 174 23.82 23.38 -15.80
N SER A 176 19.93 20.97 -15.21
CA SER A 176 20.05 21.12 -16.66
C SER A 176 18.72 20.82 -17.37
N LEU A 177 18.28 21.79 -18.18
CA LEU A 177 17.03 21.67 -18.93
C LEU A 177 17.23 21.32 -20.42
N GLY A 178 18.12 20.35 -20.72
CA GLY A 178 18.35 19.95 -22.11
C GLY A 178 17.16 19.17 -22.66
N HIS A 179 16.68 19.49 -23.87
CA HIS A 179 15.48 18.79 -24.33
C HIS A 179 15.19 18.24 -25.75
N TRP A 180 16.20 17.94 -26.55
CA TRP A 180 15.98 17.34 -27.88
C TRP A 180 14.85 17.68 -28.84
N VAL A 181 15.07 18.70 -29.66
CA VAL A 181 14.10 19.13 -30.67
C VAL A 181 14.49 18.59 -32.04
N ASP A 182 13.50 18.15 -32.84
CA ASP A 182 13.78 17.58 -34.15
C ASP A 182 14.22 18.60 -35.19
N SER A 183 14.62 18.09 -36.37
CA SER A 183 15.06 18.94 -37.47
C SER A 183 14.23 20.21 -37.61
N ASN A 184 12.98 20.08 -38.01
CA ASN A 184 12.10 21.24 -38.16
C ASN A 184 12.08 22.06 -36.86
N GLY A 185 11.91 21.39 -35.72
CA GLY A 185 11.94 22.12 -34.46
C GLY A 185 10.86 22.20 -33.40
N GLU A 186 10.22 21.08 -33.08
CA GLU A 186 9.21 21.06 -32.04
C GLU A 186 9.91 20.25 -30.96
N PRO A 187 9.85 20.67 -29.69
CA PRO A 187 10.55 19.84 -28.70
C PRO A 187 9.90 18.47 -28.67
N ILE A 188 10.71 17.40 -28.63
CA ILE A 188 10.17 16.06 -28.63
C ILE A 188 8.75 15.92 -28.04
N ASP A 189 7.82 15.57 -28.94
CA ASP A 189 6.38 15.36 -28.67
C ASP A 189 5.93 15.11 -27.22
N GLY A 190 6.04 13.87 -26.78
CA GLY A 190 5.63 13.47 -25.46
C GLY A 190 5.51 11.95 -25.43
N LYS A 191 4.95 11.39 -26.50
CA LYS A 191 4.80 9.94 -26.64
C LYS A 191 5.53 9.54 -27.92
N LEU A 192 6.49 8.62 -27.79
CA LEU A 192 7.28 8.20 -28.93
C LEU A 192 7.11 6.77 -29.46
N ARG A 193 7.12 6.68 -30.79
CA ARG A 193 7.00 5.43 -31.53
C ARG A 193 8.42 4.88 -31.70
N PHE A 194 8.60 3.57 -31.63
CA PHE A 194 9.96 3.04 -31.79
C PHE A 194 9.90 1.52 -31.86
N THR A 195 10.88 0.90 -32.49
CA THR A 195 10.88 -0.57 -32.59
C THR A 195 11.85 -1.22 -31.62
N VAL A 196 11.41 -2.29 -30.98
CA VAL A 196 12.23 -2.98 -30.00
C VAL A 196 13.41 -3.60 -30.71
N ARG A 197 14.58 -3.40 -30.12
CA ARG A 197 15.82 -3.90 -30.67
C ARG A 197 16.42 -4.87 -29.67
N ASN A 198 15.86 -4.89 -28.48
CA ASN A 198 16.39 -5.76 -27.44
C ASN A 198 15.64 -5.58 -26.11
N VAL A 199 15.46 -6.67 -25.38
CA VAL A 199 14.81 -6.64 -24.07
C VAL A 199 15.80 -7.15 -23.04
N HIS A 200 16.27 -6.25 -22.18
CA HIS A 200 17.27 -6.58 -21.18
C HIS A 200 16.74 -7.14 -19.85
N THR A 201 16.66 -8.46 -19.75
CA THR A 201 16.21 -9.12 -18.53
C THR A 201 17.40 -9.16 -17.58
N THR A 202 17.23 -8.67 -16.35
CA THR A 202 18.38 -8.65 -15.44
C THR A 202 18.11 -8.15 -14.00
N GLY A 203 17.89 -9.09 -13.08
CA GLY A 203 17.65 -8.73 -11.68
C GLY A 203 16.48 -7.83 -11.32
N ARG A 204 16.65 -6.53 -11.57
CA ARG A 204 15.60 -5.54 -11.28
C ARG A 204 14.79 -5.26 -12.53
N VAL A 205 14.08 -4.14 -12.50
CA VAL A 205 13.22 -3.74 -13.61
C VAL A 205 13.76 -4.14 -14.98
N VAL A 206 12.93 -4.83 -15.75
CA VAL A 206 13.30 -5.21 -17.09
C VAL A 206 13.45 -3.90 -17.87
N SER A 207 14.32 -3.88 -18.88
CA SER A 207 14.52 -2.67 -19.67
C SER A 207 14.53 -2.91 -21.17
N VAL A 208 13.73 -2.13 -21.88
CA VAL A 208 13.62 -2.23 -23.33
C VAL A 208 14.63 -1.26 -23.97
N ASP A 209 15.33 -1.77 -24.99
CA ASP A 209 16.33 -1.00 -25.73
C ASP A 209 15.75 -0.78 -27.12
N GLY A 210 15.21 0.40 -27.38
CA GLY A 210 14.59 0.65 -28.67
C GLY A 210 15.28 1.62 -29.60
N THR A 211 14.81 1.66 -30.84
CA THR A 211 15.40 2.53 -31.87
C THR A 211 14.37 3.27 -32.72
N LEU A 212 14.61 4.55 -32.91
CA LEU A 212 13.75 5.40 -33.72
C LEU A 212 14.23 5.36 -35.16
N ILE A 213 15.07 4.37 -35.49
CA ILE A 213 15.67 4.23 -36.82
C ILE A 213 15.57 5.48 -37.70
N LEU B 16 16.08 -19.62 -1.52
CA LEU B 16 14.74 -20.25 -1.67
C LEU B 16 14.88 -21.75 -1.69
N ASN B 17 15.66 -22.27 -2.61
CA ASN B 17 15.94 -23.71 -2.74
C ASN B 17 14.94 -24.71 -3.31
N THR B 18 13.65 -24.45 -3.24
CA THR B 18 12.74 -25.40 -3.85
C THR B 18 12.10 -24.67 -4.97
N PRO B 19 12.53 -24.98 -6.19
CA PRO B 19 11.95 -24.31 -7.34
C PRO B 19 10.54 -24.86 -7.54
N VAL B 20 9.72 -24.12 -8.26
CA VAL B 20 8.37 -24.57 -8.50
C VAL B 20 8.32 -24.93 -9.98
N VAL B 21 7.62 -26.01 -10.30
CA VAL B 21 7.50 -26.42 -11.69
C VAL B 21 6.28 -25.79 -12.33
N ILE B 22 6.45 -25.27 -13.53
CA ILE B 22 5.36 -24.62 -14.25
C ILE B 22 5.06 -25.32 -15.57
N HIS B 23 3.79 -25.65 -15.78
CA HIS B 23 3.38 -26.29 -17.03
C HIS B 23 2.28 -25.53 -17.71
N ALA B 24 2.44 -25.30 -19.01
CA ALA B 24 1.41 -24.61 -19.75
C ALA B 24 0.29 -25.63 -19.94
N THR B 25 -0.95 -25.20 -19.71
CA THR B 25 -2.07 -26.10 -19.87
C THR B 25 -2.78 -25.68 -21.14
N GLN B 26 -2.36 -24.53 -21.66
CA GLN B 26 -2.92 -23.98 -22.88
C GLN B 26 -1.82 -23.18 -23.58
N LEU B 27 -1.98 -22.92 -24.86
CA LEU B 27 -1.03 -22.12 -25.57
C LEU B 27 -1.44 -20.67 -25.28
N PRO B 28 -0.46 -19.78 -25.09
CA PRO B 28 -0.71 -18.35 -24.81
C PRO B 28 -1.72 -17.67 -25.75
N GLN B 29 -2.59 -16.83 -25.21
CA GLN B 29 -3.61 -16.15 -25.99
C GLN B 29 -3.43 -14.65 -25.86
N HIS B 30 -3.41 -13.92 -26.97
CA HIS B 30 -3.28 -12.46 -26.85
C HIS B 30 -4.63 -11.93 -26.42
N VAL B 31 -4.64 -11.08 -25.39
CA VAL B 31 -5.89 -10.52 -24.87
C VAL B 31 -6.09 -9.11 -25.40
N SER B 32 -7.34 -8.74 -25.68
CA SER B 32 -7.63 -7.42 -26.23
C SER B 32 -7.40 -6.30 -25.24
N THR B 33 -7.23 -5.09 -25.77
CA THR B 33 -6.99 -3.96 -24.91
C THR B 33 -8.15 -3.75 -23.93
N ASP B 34 -9.33 -4.27 -24.27
CA ASP B 34 -10.47 -4.11 -23.40
C ASP B 34 -10.54 -5.23 -22.36
N GLU B 35 -9.76 -6.28 -22.58
CA GLU B 35 -9.76 -7.38 -21.63
C GLU B 35 -8.75 -7.02 -20.56
N VAL B 36 -7.56 -6.62 -21.01
CA VAL B 36 -6.52 -6.25 -20.07
C VAL B 36 -7.12 -5.18 -19.16
N LEU B 37 -7.87 -4.25 -19.75
CA LEU B 37 -8.44 -3.18 -18.96
C LEU B 37 -9.39 -3.67 -17.87
N GLN B 38 -10.10 -4.77 -18.13
CA GLN B 38 -11.02 -5.30 -17.13
C GLN B 38 -10.31 -6.22 -16.13
N PHE B 39 -9.25 -6.88 -16.60
CA PHE B 39 -8.42 -7.76 -15.78
C PHE B 39 -7.78 -6.92 -14.66
N LEU B 40 -7.15 -5.82 -15.04
CA LEU B 40 -6.49 -4.96 -14.07
C LEU B 40 -7.45 -4.41 -13.03
N GLU B 41 -8.64 -4.01 -13.47
CA GLU B 41 -9.61 -3.46 -12.54
C GLU B 41 -9.85 -4.49 -11.46
N SER B 42 -10.17 -5.68 -11.91
CA SER B 42 -10.44 -6.76 -11.00
C SER B 42 -9.25 -7.25 -10.20
N PHE B 43 -8.05 -7.20 -10.78
CA PHE B 43 -6.86 -7.70 -10.09
C PHE B 43 -6.36 -6.70 -9.08
N ILE B 44 -6.40 -5.43 -9.40
CA ILE B 44 -5.93 -4.44 -8.45
C ILE B 44 -6.87 -4.40 -7.26
N ASP B 45 -8.15 -4.25 -7.55
CA ASP B 45 -9.19 -4.19 -6.55
C ASP B 45 -9.15 -5.37 -5.59
N GLU B 46 -8.81 -6.53 -6.14
CA GLU B 46 -8.75 -7.74 -5.34
C GLU B 46 -7.56 -7.73 -4.41
N LYS B 47 -6.42 -7.38 -4.97
CA LYS B 47 -5.17 -7.33 -4.25
C LYS B 47 -4.98 -6.10 -3.39
N GLU B 48 -5.81 -5.09 -3.60
CA GLU B 48 -5.68 -3.88 -2.82
C GLU B 48 -6.66 -3.97 -1.65
N ASN B 49 -7.55 -4.94 -1.75
CA ASN B 49 -8.57 -5.18 -0.74
C ASN B 49 -7.95 -5.57 0.60
N ILE B 50 -8.54 -5.08 1.69
CA ILE B 50 -8.08 -5.39 3.05
C ILE B 50 -8.05 -6.90 3.15
N ILE B 51 -7.60 -7.43 4.28
CA ILE B 51 -7.44 -8.88 4.40
C ILE B 51 -6.25 -9.05 3.43
N ASP B 52 -5.43 -7.99 3.49
CA ASP B 52 -4.26 -7.73 2.65
C ASP B 52 -2.93 -8.47 2.79
N ILE B 53 -1.99 -8.01 1.97
CA ILE B 53 -0.61 -8.49 1.85
C ILE B 53 0.15 -7.34 1.20
N ASP B 54 0.91 -6.61 1.99
CA ASP B 54 1.68 -5.53 1.44
C ASP B 54 2.84 -6.23 0.73
N THR B 55 3.95 -6.44 1.45
CA THR B 55 5.16 -7.06 0.90
C THR B 55 5.42 -6.54 -0.49
N ASN B 56 5.76 -5.28 -0.52
CA ASN B 56 6.11 -4.58 -1.74
C ASN B 56 5.17 -4.83 -2.89
N LEU B 57 4.02 -5.43 -2.60
CA LEU B 57 3.05 -5.66 -3.68
C LEU B 57 2.35 -4.32 -3.75
N SER B 58 2.43 -3.58 -2.66
CA SER B 58 1.81 -2.27 -2.56
C SER B 58 2.36 -1.35 -3.64
N SER B 59 3.64 -1.47 -3.92
CA SER B 59 4.27 -0.62 -4.92
C SER B 59 4.04 -1.19 -6.30
N SER B 60 4.02 -2.51 -6.39
CA SER B 60 3.77 -3.18 -7.67
C SER B 60 2.39 -2.74 -8.16
N ILE B 61 1.41 -2.83 -7.26
CA ILE B 61 0.06 -2.43 -7.59
C ILE B 61 0.12 -0.97 -8.04
N SER B 62 0.81 -0.11 -7.29
CA SER B 62 0.89 1.29 -7.69
C SER B 62 1.30 1.41 -9.15
N GLN B 63 2.20 0.54 -9.57
CA GLN B 63 2.70 0.51 -10.94
C GLN B 63 1.57 0.13 -11.91
N LEU B 64 0.94 -1.01 -11.65
CA LEU B 64 -0.19 -1.48 -12.46
C LEU B 64 -1.25 -0.38 -12.59
N LYS B 65 -1.47 0.41 -11.53
CA LYS B 65 -2.46 1.47 -11.62
C LYS B 65 -2.01 2.44 -12.69
N ARG B 66 -0.68 2.56 -12.83
CA ARG B 66 -0.12 3.45 -13.82
C ARG B 66 -0.35 2.88 -15.19
N ILE B 67 -0.34 1.55 -15.25
CA ILE B 67 -0.56 0.84 -16.50
C ILE B 67 -2.03 0.91 -16.91
N GLN B 68 -2.92 0.73 -15.95
CA GLN B 68 -4.34 0.78 -16.22
C GLN B 68 -4.77 2.15 -16.75
N ARG B 69 -4.15 3.19 -16.23
CA ARG B 69 -4.47 4.56 -16.66
C ARG B 69 -4.05 4.74 -18.12
N ASP B 70 -2.86 4.25 -18.45
CA ASP B 70 -2.36 4.37 -19.81
C ASP B 70 -3.37 3.74 -20.75
N PHE B 71 -3.75 2.49 -20.48
CA PHE B 71 -4.71 1.80 -21.31
C PHE B 71 -6.07 2.46 -21.39
N LYS B 72 -6.58 2.97 -20.27
CA LYS B 72 -7.90 3.62 -20.28
C LYS B 72 -7.87 4.81 -21.24
N GLY B 73 -6.66 5.23 -21.60
CA GLY B 73 -6.49 6.36 -22.51
C GLY B 73 -6.21 5.97 -23.95
N LEU B 74 -5.78 4.73 -24.17
CA LEU B 74 -5.51 4.23 -25.52
C LEU B 74 -6.77 4.40 -26.38
N PRO B 75 -6.60 4.46 -27.72
CA PRO B 75 -7.76 4.62 -28.60
C PRO B 75 -8.69 3.39 -28.50
N PRO B 76 -9.89 3.44 -29.11
CA PRO B 76 -10.92 2.39 -29.13
C PRO B 76 -10.61 1.00 -28.55
N LYS C 21 2.65 21.16 14.97
CA LYS C 21 3.39 21.45 13.71
C LYS C 21 4.09 22.80 13.74
N LYS C 22 5.40 22.79 13.51
CA LYS C 22 6.16 24.04 13.44
C LYS C 22 6.03 24.30 11.94
N GLN C 23 5.14 25.20 11.56
CA GLN C 23 4.93 25.42 10.14
C GLN C 23 5.21 26.80 9.55
N VAL C 24 6.18 26.85 8.66
CA VAL C 24 6.52 28.08 7.98
C VAL C 24 5.54 28.17 6.82
N THR C 25 4.37 28.74 7.09
CA THR C 25 3.31 28.90 6.10
C THR C 25 3.82 28.95 4.66
N ASN C 26 3.20 28.17 3.78
CA ASN C 26 3.57 28.13 2.36
C ASN C 26 2.88 29.30 1.66
N PRO C 27 3.62 30.03 0.83
CA PRO C 27 3.06 31.17 0.11
C PRO C 27 2.37 30.81 -1.18
N ILE C 28 1.11 31.20 -1.32
CA ILE C 28 0.34 31.00 -2.55
C ILE C 28 0.79 32.22 -3.36
N ASP C 29 1.00 32.09 -4.66
CA ASP C 29 1.54 33.27 -5.34
C ASP C 29 1.71 33.23 -6.86
N GLU C 30 2.23 34.36 -7.35
CA GLU C 30 2.52 34.60 -8.75
C GLU C 30 1.32 34.22 -9.62
N LYS C 31 1.58 33.67 -10.80
CA LYS C 31 0.51 33.30 -11.72
C LYS C 31 -0.30 32.05 -11.37
N ASN C 32 0.40 30.93 -11.22
CA ASN C 32 -0.20 29.63 -10.92
C ASN C 32 -1.35 29.57 -9.91
N GLY C 33 -1.31 30.42 -8.89
CA GLY C 33 -2.36 30.39 -7.88
C GLY C 33 -2.16 29.18 -7.00
N THR C 34 -1.02 28.51 -7.21
CA THR C 34 -0.62 27.31 -6.47
C THR C 34 0.29 27.73 -5.31
N SER C 35 0.06 27.17 -4.13
CA SER C 35 0.93 27.53 -3.03
C SER C 35 2.20 26.69 -3.02
N ASN C 36 3.35 27.34 -3.19
CA ASN C 36 4.66 26.71 -3.19
C ASN C 36 4.90 25.94 -1.88
N CYS C 37 5.19 24.65 -1.99
CA CYS C 37 5.42 23.80 -0.82
C CYS C 37 6.82 23.25 -0.59
N ILE C 38 7.78 23.52 -1.47
CA ILE C 38 9.11 22.98 -1.23
C ILE C 38 9.95 23.99 -0.51
N VAL C 39 10.62 23.58 0.56
CA VAL C 39 11.40 24.52 1.33
C VAL C 39 12.77 23.93 1.67
N ARG C 40 13.79 24.77 1.66
CA ARG C 40 15.14 24.31 2.00
C ARG C 40 15.36 24.43 3.51
N VAL C 41 15.81 23.36 4.14
CA VAL C 41 15.97 23.40 5.58
C VAL C 41 17.29 22.89 6.11
N PRO C 42 18.20 23.81 6.46
CA PRO C 42 19.50 23.44 7.00
C PRO C 42 19.36 22.94 8.42
N ILE C 43 19.91 21.76 8.67
CA ILE C 43 19.89 21.18 10.01
C ILE C 43 21.27 20.65 10.40
N ALA C 44 21.51 20.58 11.70
CA ALA C 44 22.76 20.03 12.20
C ALA C 44 22.25 18.84 13.01
N LEU C 45 22.83 17.66 12.84
CA LEU C 45 22.34 16.52 13.61
C LEU C 45 23.45 15.69 14.22
N TYR C 46 23.15 15.12 15.38
CA TYR C 46 24.10 14.28 16.13
C TYR C 46 23.69 12.85 15.85
N VAL C 47 24.50 12.19 15.04
CA VAL C 47 24.22 10.84 14.62
C VAL C 47 24.99 9.70 15.30
N SER C 48 24.37 8.52 15.28
CA SER C 48 24.92 7.29 15.84
C SER C 48 25.70 6.54 14.75
N LEU C 49 26.90 7.00 14.44
CA LEU C 49 27.73 6.40 13.40
C LEU C 49 27.98 4.92 13.70
N ALA C 50 28.16 4.12 12.65
CA ALA C 50 28.40 2.69 12.77
C ALA C 50 29.91 2.39 12.79
N PRO C 51 30.34 1.39 13.57
CA PRO C 51 31.76 1.02 13.67
C PRO C 51 32.34 0.75 12.30
N TYR C 53 31.59 2.08 9.69
CA TYR C 53 31.77 3.32 8.94
C TYR C 53 32.82 4.32 9.43
N LEU C 54 33.70 3.89 10.32
CA LEU C 54 34.75 4.78 10.82
C LEU C 54 35.76 5.03 9.70
N GLU C 55 36.56 6.07 9.83
CA GLU C 55 37.56 6.39 8.81
C GLU C 55 36.86 6.76 7.50
N ASN C 56 35.53 6.86 7.58
CA ASN C 56 34.67 7.25 6.46
C ASN C 56 33.24 7.34 7.00
N PRO C 57 32.94 8.41 7.76
CA PRO C 57 31.64 8.67 8.38
C PRO C 57 30.71 9.33 7.37
N LEU C 58 31.32 10.01 6.40
CA LEU C 58 30.54 10.68 5.36
C LEU C 58 29.57 9.64 4.79
N GLN C 59 30.12 8.51 4.33
CA GLN C 59 29.31 7.43 3.75
C GLN C 59 28.51 6.71 4.84
N GLY C 60 28.90 6.90 6.08
CA GLY C 60 28.17 6.28 7.17
C GLY C 60 26.88 7.05 7.41
N VAL C 61 27.00 8.36 7.60
CA VAL C 61 25.85 9.24 7.85
C VAL C 61 24.80 9.08 6.78
N LYS C 63 23.72 6.58 5.65
CA LYS C 63 23.00 5.34 5.92
C LYS C 63 22.14 5.66 7.16
N GLN C 64 21.96 6.98 7.34
CA GLN C 64 21.18 7.59 8.41
C GLN C 64 20.21 8.54 7.70
N HIS C 65 20.61 8.98 6.50
CA HIS C 65 19.86 9.90 5.65
C HIS C 65 19.13 9.33 4.47
N LEU C 66 19.95 8.83 3.55
CA LEU C 66 19.53 8.28 2.29
C LEU C 66 18.15 7.68 2.18
N ASN C 67 18.11 6.36 2.18
CA ASN C 67 16.84 5.68 2.04
C ASN C 67 16.05 6.00 3.31
N PRO C 68 16.70 5.84 4.47
CA PRO C 68 15.91 6.13 5.66
C PRO C 68 14.97 7.32 5.49
N LEU C 69 15.49 8.39 4.89
CA LEU C 69 14.70 9.62 4.76
C LEU C 69 14.11 10.01 3.41
N VAL C 70 14.85 9.77 2.34
CA VAL C 70 14.37 10.17 1.03
C VAL C 70 13.00 9.62 0.68
N LYS C 72 10.27 9.81 2.00
CA LYS C 72 9.44 9.37 3.10
C LYS C 72 9.17 10.54 4.04
N TYR C 73 7.92 10.68 4.48
CA TYR C 73 7.54 11.75 5.38
C TYR C 73 8.32 11.69 6.70
N ASN C 74 8.66 12.86 7.23
CA ASN C 74 9.39 12.97 8.48
C ASN C 74 8.68 13.99 9.37
N ASN C 75 8.65 13.73 10.67
CA ASN C 75 7.94 14.61 11.60
C ASN C 75 8.69 15.79 12.14
N LYS C 76 9.99 15.64 12.37
CA LYS C 76 10.78 16.74 12.89
C LYS C 76 10.79 17.89 11.91
N VAL C 77 10.60 17.59 10.62
CA VAL C 77 10.59 18.63 9.59
C VAL C 77 9.24 18.63 8.87
N GLY C 78 8.28 17.96 9.48
CA GLY C 78 6.93 17.86 8.95
C GLY C 78 6.75 17.86 7.46
N GLY C 79 7.27 16.84 6.77
CA GLY C 79 7.10 16.80 5.33
C GLY C 79 7.93 15.72 4.68
N VAL C 80 7.75 15.51 3.38
CA VAL C 80 8.54 14.50 2.69
C VAL C 80 9.91 15.02 2.33
N VAL C 81 10.95 14.30 2.74
CA VAL C 81 12.33 14.72 2.46
C VAL C 81 12.72 14.32 1.05
N LEU C 82 12.70 15.28 0.13
CA LEU C 82 13.04 15.00 -1.26
C LEU C 82 14.49 14.65 -1.44
N GLY C 83 15.32 15.02 -0.47
CA GLY C 83 16.73 14.70 -0.59
C GLY C 83 17.58 15.67 0.21
N TYR C 84 18.89 15.49 0.18
CA TYR C 84 19.75 16.38 0.91
C TYR C 84 20.89 16.89 0.05
N GLU C 85 21.56 17.92 0.55
CA GLU C 85 22.62 18.55 -0.20
C GLU C 85 23.62 19.15 0.77
N GLY C 86 24.89 19.16 0.38
CA GLY C 86 25.94 19.74 1.21
C GLY C 86 26.38 19.01 2.47
N LEU C 87 25.89 17.80 2.73
CA LEU C 87 26.29 17.06 3.92
C LEU C 87 27.74 17.36 4.28
N LYS C 88 27.97 17.67 5.56
CA LYS C 88 29.30 18.01 6.05
C LYS C 88 29.48 17.34 7.39
N ILE C 89 30.26 16.27 7.39
CA ILE C 89 30.51 15.54 8.62
C ILE C 89 31.52 16.37 9.38
N LEU C 90 32.38 17.04 8.61
CA LEU C 90 33.45 17.89 9.15
C LEU C 90 33.11 18.46 10.52
N ASP C 91 31.82 18.57 10.78
CA ASP C 91 31.31 19.09 12.02
C ASP C 91 32.10 18.71 13.27
N ALA C 92 33.11 17.86 13.17
CA ALA C 92 33.89 17.51 14.35
C ALA C 92 35.38 17.47 14.03
N ASP C 93 36.21 17.90 14.97
CA ASP C 93 37.66 17.88 14.78
C ASP C 93 38.42 18.54 15.92
N PRO C 94 39.51 17.90 16.38
CA PRO C 94 40.31 18.44 17.48
C PRO C 94 41.64 19.03 17.00
N GLY C 114 31.83 6.54 18.74
CA GLY C 114 30.55 5.99 18.33
C GLY C 114 29.63 6.98 17.62
N PHE C 115 29.59 8.22 18.12
CA PHE C 115 28.72 9.26 17.53
C PHE C 115 29.48 10.33 16.77
N THR C 116 28.73 11.29 16.26
CA THR C 116 29.32 12.40 15.53
C THR C 116 28.31 13.48 15.10
N TRP C 117 28.81 14.72 15.00
CA TRP C 117 28.01 15.87 14.58
C TRP C 117 28.26 16.14 13.11
N CYS C 118 27.19 16.46 12.40
CA CYS C 118 27.28 16.76 10.98
C CYS C 118 26.27 17.86 10.60
N HIS C 119 26.41 18.39 9.40
CA HIS C 119 25.51 19.42 8.95
C HIS C 119 25.10 19.27 7.50
N VAL C 120 23.80 19.16 7.27
CA VAL C 120 23.30 19.03 5.90
C VAL C 120 22.04 19.88 5.64
N ASN C 121 21.71 20.05 4.36
CA ASN C 121 20.54 20.84 3.99
C ASN C 121 19.49 19.96 3.31
N LEU C 122 18.45 19.60 4.05
CA LEU C 122 17.36 18.79 3.49
C LEU C 122 16.46 19.65 2.61
N TYR C 123 15.74 19.04 1.70
CA TYR C 123 14.77 19.73 0.86
C TYR C 123 13.47 19.04 1.19
N VAL C 124 12.46 19.81 1.53
CA VAL C 124 11.20 19.21 1.95
C VAL C 124 9.95 19.68 1.22
N TRP C 125 9.08 18.71 0.89
CA TRP C 125 7.75 18.92 0.26
C TRP C 125 6.95 19.02 1.55
N GLN C 126 6.38 20.19 1.79
CA GLN C 126 5.73 20.45 3.05
C GLN C 126 4.30 20.97 2.93
N PRO C 127 3.44 20.25 2.20
CA PRO C 127 2.06 20.74 2.08
C PRO C 127 1.48 20.93 3.47
N GLN C 128 0.52 21.84 3.60
CA GLN C 128 -0.12 22.14 4.87
C GLN C 128 -1.60 22.36 4.64
N VAL C 129 -2.42 22.08 5.66
CA VAL C 129 -3.85 22.27 5.51
C VAL C 129 -4.14 23.68 5.01
N GLY C 130 -5.00 23.77 4.00
CA GLY C 130 -5.34 25.07 3.47
C GLY C 130 -4.58 25.39 2.21
N ASP C 131 -3.50 24.68 1.96
CA ASP C 131 -2.75 24.95 0.75
C ASP C 131 -3.58 24.63 -0.48
N VAL C 132 -3.27 25.30 -1.59
CA VAL C 132 -3.96 25.06 -2.84
C VAL C 132 -2.98 24.36 -3.77
N LEU C 133 -3.14 23.04 -3.92
CA LEU C 133 -2.26 22.26 -4.76
C LEU C 133 -2.87 21.84 -6.09
N GLU C 134 -2.06 21.21 -6.94
CA GLU C 134 -2.54 20.73 -8.23
C GLU C 134 -2.13 19.28 -8.39
N GLY C 135 -2.92 18.54 -9.14
CA GLY C 135 -2.60 17.13 -9.34
C GLY C 135 -3.20 16.50 -10.59
N TYR C 136 -2.54 15.47 -11.07
CA TYR C 136 -3.01 14.74 -12.25
C TYR C 136 -4.02 13.72 -11.77
N ILE C 137 -4.90 13.33 -12.67
CA ILE C 137 -5.90 12.35 -12.34
C ILE C 137 -5.37 10.94 -12.50
N PHE C 138 -5.31 10.25 -11.38
CA PHE C 138 -4.86 8.86 -11.29
C PHE C 138 -6.23 8.19 -11.17
N ILE C 139 -6.28 6.99 -10.65
CA ILE C 139 -7.54 6.27 -10.50
C ILE C 139 -8.78 7.04 -10.00
N GLN C 140 -9.83 7.06 -10.81
CA GLN C 140 -11.09 7.72 -10.43
C GLN C 140 -12.19 6.68 -10.33
N SER C 141 -13.18 6.96 -9.49
CA SER C 141 -14.26 6.02 -9.29
C SER C 141 -15.37 6.70 -8.53
N ALA C 142 -16.61 6.34 -8.83
CA ALA C 142 -17.75 6.92 -8.12
C ALA C 142 -17.39 6.87 -6.64
N SER C 143 -17.55 8.00 -5.97
CA SER C 143 -17.19 8.07 -4.57
C SER C 143 -15.66 7.97 -4.53
N HIS C 144 -14.99 9.12 -4.49
CA HIS C 144 -13.51 9.25 -4.42
C HIS C 144 -12.54 9.32 -5.63
N ILE C 145 -12.17 10.52 -6.04
CA ILE C 145 -11.22 10.71 -7.14
C ILE C 145 -9.79 10.68 -6.58
N GLY C 146 -8.89 9.95 -7.24
CA GLY C 146 -7.51 9.88 -6.81
C GLY C 146 -6.59 10.72 -7.67
N LEU C 147 -5.66 11.44 -7.07
CA LEU C 147 -4.75 12.29 -7.83
C LEU C 147 -3.30 11.96 -7.54
N LEU C 148 -2.42 12.55 -8.34
CA LEU C 148 -0.99 12.35 -8.15
C LEU C 148 -0.31 13.69 -8.28
N ILE C 149 0.06 14.27 -7.14
CA ILE C 149 0.72 15.57 -7.11
C ILE C 149 2.15 15.46 -7.64
N HIS C 150 2.49 16.32 -8.59
CA HIS C 150 3.82 16.31 -9.22
C HIS C 150 4.11 14.89 -9.73
N ASP C 151 3.07 14.15 -10.06
CA ASP C 151 3.22 12.80 -10.57
C ASP C 151 3.97 11.85 -9.62
N ALA C 152 3.83 12.08 -8.32
CA ALA C 152 4.50 11.23 -7.34
C ALA C 152 3.89 11.18 -5.94
N PHE C 153 2.96 12.07 -5.62
CA PHE C 153 2.36 12.05 -4.29
C PHE C 153 0.84 11.83 -4.34
N ASN C 154 0.35 10.89 -3.53
CA ASN C 154 -1.06 10.56 -3.49
C ASN C 154 -1.96 11.59 -2.89
N ALA C 155 -2.93 12.05 -3.67
CA ALA C 155 -3.90 13.02 -3.20
C ALA C 155 -5.24 12.38 -3.59
N SER C 156 -6.28 12.69 -2.82
CA SER C 156 -7.59 12.11 -3.06
C SER C 156 -8.70 13.01 -2.52
N ILE C 157 -9.78 13.14 -3.26
CA ILE C 157 -10.88 13.93 -2.76
C ILE C 157 -12.07 12.99 -2.60
N LYS C 158 -12.71 13.02 -1.45
CA LYS C 158 -13.87 12.16 -1.18
C LYS C 158 -15.09 12.62 -1.97
N LYS C 159 -16.06 11.73 -2.13
CA LYS C 159 -17.30 12.02 -2.85
C LYS C 159 -17.93 13.33 -2.35
N ASN C 160 -17.91 13.50 -1.02
CA ASN C 160 -18.47 14.69 -0.36
C ASN C 160 -17.90 15.97 -0.93
N ASN C 161 -16.59 15.96 -1.16
CA ASN C 161 -15.90 17.14 -1.64
C ASN C 161 -15.87 17.37 -3.15
N ILE C 162 -16.71 16.64 -3.88
CA ILE C 162 -16.82 16.78 -5.33
C ILE C 162 -18.00 17.69 -5.65
N PRO C 163 -17.82 18.63 -6.59
CA PRO C 163 -18.81 19.62 -7.04
C PRO C 163 -20.31 19.35 -6.90
N VAL C 164 -20.73 18.09 -6.95
CA VAL C 164 -22.14 17.71 -6.81
C VAL C 164 -22.98 17.93 -8.08
N ASP C 165 -22.41 18.56 -9.10
CA ASP C 165 -23.11 18.76 -10.37
C ASP C 165 -22.22 18.03 -11.38
N TRP C 166 -21.25 17.31 -10.82
CA TRP C 166 -20.31 16.49 -11.57
C TRP C 166 -20.98 15.13 -11.63
N THR C 167 -21.07 14.55 -12.81
CA THR C 167 -21.73 13.27 -12.96
C THR C 167 -20.76 12.14 -13.27
N PHE C 168 -20.95 11.00 -12.63
CA PHE C 168 -20.09 9.86 -12.86
C PHE C 168 -20.75 8.79 -13.74
N VAL C 169 -20.23 8.62 -14.95
CA VAL C 169 -20.77 7.64 -15.89
C VAL C 169 -19.87 6.39 -16.03
N HIS C 170 -20.49 5.20 -16.01
CA HIS C 170 -19.76 3.93 -16.15
C HIS C 170 -19.66 3.51 -17.61
N ASN C 171 -18.91 2.44 -17.87
CA ASN C 171 -18.73 1.94 -19.23
C ASN C 171 -19.81 0.91 -19.53
N ASP C 172 -20.93 1.37 -20.10
CA ASP C 172 -22.05 0.50 -20.44
C ASP C 172 -22.47 -0.28 -19.18
N GLY C 173 -21.94 0.14 -18.03
CA GLY C 173 -22.24 -0.52 -16.77
C GLY C 173 -20.96 -0.94 -16.07
N SER C 176 -16.82 -0.68 -15.74
CA SER C 176 -15.40 -1.03 -15.76
C SER C 176 -14.56 0.23 -16.01
N LEU C 177 -15.02 1.06 -16.95
CA LEU C 177 -14.33 2.31 -17.30
C LEU C 177 -15.07 3.57 -16.81
N GLY C 178 -15.32 3.68 -15.50
CA GLY C 178 -16.02 4.85 -14.97
C GLY C 178 -15.14 6.08 -15.05
N HIS C 179 -15.67 7.24 -15.44
CA HIS C 179 -14.80 8.42 -15.58
C HIS C 179 -15.19 9.89 -15.24
N TRP C 180 -16.10 10.12 -14.30
CA TRP C 180 -16.50 11.47 -13.82
C TRP C 180 -16.49 12.77 -14.65
N VAL C 181 -17.54 12.98 -15.44
CA VAL C 181 -17.63 14.19 -16.26
C VAL C 181 -18.41 15.29 -15.48
N ASP C 182 -18.02 16.55 -15.62
CA ASP C 182 -18.71 17.64 -14.89
C ASP C 182 -20.09 18.00 -15.44
N SER C 183 -20.70 19.02 -14.85
CA SER C 183 -22.04 19.49 -15.24
C SER C 183 -22.23 19.63 -16.75
N ASN C 184 -21.53 20.58 -17.36
CA ASN C 184 -21.60 20.83 -18.79
C ASN C 184 -21.24 19.56 -19.56
N GLY C 185 -20.22 18.86 -19.08
CA GLY C 185 -19.86 17.60 -19.72
C GLY C 185 -18.54 17.51 -20.45
N GLU C 186 -17.45 17.44 -19.70
CA GLU C 186 -16.13 17.25 -20.29
C GLU C 186 -15.44 16.30 -19.32
N PRO C 187 -14.96 15.16 -19.84
CA PRO C 187 -14.29 14.14 -19.03
C PRO C 187 -13.19 14.79 -18.18
N ILE C 188 -13.38 14.83 -16.86
CA ILE C 188 -12.40 15.42 -15.95
C ILE C 188 -11.03 15.70 -16.60
N ASP C 189 -10.79 16.98 -16.84
CA ASP C 189 -9.59 17.54 -17.45
C ASP C 189 -8.30 16.71 -17.60
N GLY C 190 -7.65 16.44 -16.47
CA GLY C 190 -6.40 15.71 -16.48
C GLY C 190 -5.58 16.21 -15.32
N LYS C 191 -5.63 17.52 -15.09
CA LYS C 191 -4.92 18.14 -13.97
C LYS C 191 -5.93 18.96 -13.16
N LEU C 192 -6.06 18.63 -11.88
CA LEU C 192 -7.01 19.29 -10.98
C LEU C 192 -6.44 20.24 -9.94
N ARG C 193 -7.17 21.33 -9.72
CA ARG C 193 -6.80 22.33 -8.73
C ARG C 193 -7.64 21.98 -7.50
N PHE C 194 -7.05 22.02 -6.32
CA PHE C 194 -7.83 21.71 -5.12
C PHE C 194 -7.13 22.22 -3.88
N THR C 195 -7.87 22.41 -2.80
CA THR C 195 -7.23 22.90 -1.58
C THR C 195 -7.06 21.75 -0.58
N VAL C 196 -5.93 21.72 0.12
CA VAL C 196 -5.66 20.66 1.07
C VAL C 196 -6.53 20.74 2.30
N ARG C 197 -7.10 19.61 2.69
CA ARG C 197 -7.99 19.59 3.84
C ARG C 197 -7.37 18.78 4.96
N ASN C 198 -6.38 17.98 4.63
CA ASN C 198 -5.74 17.14 5.63
C ASN C 198 -4.59 16.32 5.04
N VAL C 199 -3.42 16.40 5.64
CA VAL C 199 -2.28 15.64 5.17
C VAL C 199 -2.10 14.43 6.09
N HIS C 200 -2.41 13.25 5.56
CA HIS C 200 -2.33 12.02 6.34
C HIS C 200 -0.97 11.35 6.41
N THR C 201 -0.20 11.69 7.46
CA THR C 201 1.11 11.07 7.67
C THR C 201 0.78 9.75 8.35
N THR C 202 1.36 8.66 7.87
CA THR C 202 1.06 7.37 8.50
C THR C 202 1.80 6.16 7.92
N GLY C 203 2.90 5.81 8.55
CA GLY C 203 3.69 4.65 8.13
C GLY C 203 4.28 4.68 6.72
N ARG C 204 3.42 4.47 5.72
CA ARG C 204 3.82 4.47 4.32
C ARG C 204 3.55 5.81 3.65
N VAL C 205 3.59 5.83 2.33
CA VAL C 205 3.36 7.04 1.55
C VAL C 205 2.40 8.04 2.18
N VAL C 206 2.81 9.30 2.22
CA VAL C 206 1.96 10.34 2.77
C VAL C 206 0.80 10.49 1.79
N SER C 207 -0.39 10.76 2.30
CA SER C 207 -1.52 10.93 1.41
C SER C 207 -2.25 12.20 1.76
N VAL C 208 -2.47 13.02 0.75
CA VAL C 208 -3.14 14.29 0.90
C VAL C 208 -4.62 14.19 0.66
N ASP C 209 -5.41 14.61 1.65
CA ASP C 209 -6.88 14.59 1.55
C ASP C 209 -7.34 15.98 1.09
N GLY C 210 -7.83 16.09 -0.13
CA GLY C 210 -8.26 17.38 -0.64
C GLY C 210 -9.74 17.61 -0.91
N THR C 211 -10.08 18.83 -1.34
CA THR C 211 -11.47 19.18 -1.62
C THR C 211 -11.64 20.17 -2.78
N LEU C 212 -12.56 19.83 -3.69
CA LEU C 212 -12.85 20.67 -4.85
C LEU C 212 -14.01 21.61 -4.56
N ILE C 213 -14.44 21.60 -3.30
CA ILE C 213 -15.55 22.43 -2.82
C ILE C 213 -15.22 23.93 -2.65
N ASN D 17 20.44 2.99 15.56
CA ASN D 17 20.74 2.29 16.85
C ASN D 17 20.34 3.19 18.02
N THR D 18 20.06 4.45 17.69
CA THR D 18 19.67 5.44 18.69
C THR D 18 18.86 6.50 17.96
N PRO D 19 18.08 7.31 18.70
CA PRO D 19 17.33 8.33 17.95
C PRO D 19 18.36 9.42 17.63
N VAL D 20 18.17 10.13 16.53
CA VAL D 20 19.11 11.17 16.18
C VAL D 20 18.50 12.52 16.52
N VAL D 21 19.33 13.44 17.00
CA VAL D 21 18.86 14.78 17.34
C VAL D 21 19.06 15.72 16.17
N ILE D 22 18.01 16.49 15.86
CA ILE D 22 18.05 17.43 14.75
C ILE D 22 17.86 18.87 15.18
N HIS D 23 18.76 19.74 14.73
CA HIS D 23 18.67 21.16 15.06
C HIS D 23 18.75 22.04 13.84
N ALA D 24 17.72 22.86 13.67
CA ALA D 24 17.65 23.80 12.56
C ALA D 24 18.74 24.84 12.76
N THR D 25 19.46 25.20 11.72
CA THR D 25 20.52 26.20 11.88
C THR D 25 20.17 27.45 11.09
N GLN D 26 19.03 27.37 10.41
CA GLN D 26 18.49 28.47 9.61
C GLN D 26 16.98 28.30 9.58
N LEU D 27 16.28 29.40 9.36
CA LEU D 27 14.84 29.33 9.28
C LEU D 27 14.62 28.74 7.89
N PRO D 28 13.65 27.81 7.72
CA PRO D 28 13.41 27.22 6.40
C PRO D 28 13.16 28.29 5.35
N GLN D 29 13.69 28.07 4.15
CA GLN D 29 13.58 29.01 3.05
C GLN D 29 12.89 28.41 1.84
N HIS D 30 11.75 28.98 1.43
CA HIS D 30 11.03 28.46 0.28
C HIS D 30 11.92 28.67 -0.91
N VAL D 31 12.17 27.57 -1.61
CA VAL D 31 13.04 27.58 -2.77
C VAL D 31 12.22 27.71 -4.05
N SER D 32 12.71 28.49 -4.99
CA SER D 32 12.00 28.70 -6.26
C SER D 32 11.86 27.42 -7.05
N THR D 33 11.01 27.48 -8.07
CA THR D 33 10.78 26.32 -8.92
C THR D 33 12.05 26.02 -9.71
N ASP D 34 12.81 27.05 -10.04
CA ASP D 34 14.01 26.81 -10.79
C ASP D 34 15.10 26.24 -9.91
N GLU D 35 15.08 26.56 -8.63
CA GLU D 35 16.10 26.06 -7.73
C GLU D 35 15.89 24.59 -7.43
N VAL D 36 14.63 24.19 -7.25
CA VAL D 36 14.34 22.80 -6.95
C VAL D 36 14.75 21.96 -8.17
N LEU D 37 14.48 22.49 -9.36
CA LEU D 37 14.81 21.79 -10.60
C LEU D 37 16.31 21.54 -10.72
N GLN D 38 17.11 22.44 -10.18
CA GLN D 38 18.56 22.27 -10.22
C GLN D 38 19.04 21.36 -9.08
N PHE D 39 18.32 21.39 -7.96
CA PHE D 39 18.67 20.55 -6.82
C PHE D 39 18.49 19.10 -7.23
N LEU D 40 17.35 18.83 -7.87
CA LEU D 40 16.99 17.49 -8.30
C LEU D 40 17.98 16.91 -9.27
N GLU D 41 18.31 17.68 -10.31
CA GLU D 41 19.27 17.23 -11.30
C GLU D 41 20.53 16.77 -10.59
N SER D 42 21.07 17.64 -9.75
CA SER D 42 22.29 17.34 -9.03
C SER D 42 22.22 16.17 -8.03
N PHE D 43 21.13 16.09 -7.27
CA PHE D 43 21.00 15.02 -6.29
C PHE D 43 20.73 13.66 -6.91
N ILE D 44 19.85 13.63 -7.91
CA ILE D 44 19.53 12.36 -8.58
C ILE D 44 20.88 11.84 -9.10
N ASP D 45 21.39 12.56 -10.08
CA ASP D 45 22.67 12.27 -10.71
C ASP D 45 23.73 11.83 -9.72
N GLU D 46 23.85 12.58 -8.65
CA GLU D 46 24.81 12.28 -7.61
C GLU D 46 24.52 10.91 -6.99
N LYS D 47 23.26 10.65 -6.68
CA LYS D 47 22.86 9.39 -6.05
C LYS D 47 22.76 8.21 -6.99
N GLU D 48 22.40 8.47 -8.23
CA GLU D 48 22.25 7.41 -9.22
C GLU D 48 23.61 7.05 -9.81
N ASN D 49 24.62 7.81 -9.42
CA ASN D 49 25.97 7.59 -9.88
C ASN D 49 26.51 6.29 -9.28
N ILE D 50 27.52 5.72 -9.93
CA ILE D 50 28.14 4.47 -9.46
C ILE D 50 28.77 4.71 -8.08
N ILE D 51 29.44 3.69 -7.53
CA ILE D 51 30.03 3.79 -6.20
C ILE D 51 28.77 3.98 -5.36
N ASP D 52 27.70 3.46 -5.96
CA ASP D 52 26.34 3.53 -5.46
C ASP D 52 25.92 2.93 -4.14
N ILE D 53 24.61 2.98 -4.00
CA ILE D 53 23.83 2.50 -2.87
C ILE D 53 22.47 2.27 -3.51
N ASP D 54 21.87 1.11 -3.25
CA ASP D 54 20.55 0.82 -3.78
C ASP D 54 19.58 1.03 -2.62
N THR D 55 19.48 0.03 -1.75
CA THR D 55 18.62 0.06 -0.56
C THR D 55 17.31 0.81 -0.79
N ASN D 56 16.53 0.37 -1.78
CA ASN D 56 15.26 1.01 -2.10
C ASN D 56 15.42 2.51 -2.35
N LEU D 57 16.66 2.94 -2.56
CA LEU D 57 16.91 4.34 -2.87
C LEU D 57 16.76 4.40 -4.38
N SER D 58 16.74 3.21 -4.96
CA SER D 58 16.60 3.06 -6.41
C SER D 58 15.20 3.50 -6.80
N SER D 59 14.20 2.96 -6.12
CA SER D 59 12.82 3.30 -6.41
C SER D 59 12.57 4.74 -5.97
N SER D 60 13.10 5.12 -4.81
CA SER D 60 12.95 6.49 -4.32
C SER D 60 13.37 7.43 -5.44
N ILE D 61 14.56 7.20 -5.98
CA ILE D 61 15.10 8.01 -7.08
C ILE D 61 14.21 8.01 -8.33
N SER D 62 13.68 6.85 -8.66
CA SER D 62 12.83 6.78 -9.81
C SER D 62 11.72 7.79 -9.58
N GLN D 63 11.25 7.85 -8.34
CA GLN D 63 10.17 8.74 -7.96
C GLN D 63 10.61 10.21 -8.12
N LEU D 64 11.86 10.50 -7.79
CA LEU D 64 12.38 11.86 -7.90
C LEU D 64 12.47 12.31 -9.35
N LYS D 65 12.59 11.35 -10.27
CA LYS D 65 12.67 11.70 -11.67
C LYS D 65 11.32 12.09 -12.22
N ARG D 66 10.27 11.51 -11.65
CA ARG D 66 8.91 11.84 -12.06
C ARG D 66 8.58 13.26 -11.60
N ILE D 67 9.00 13.60 -10.39
CA ILE D 67 8.80 14.93 -9.81
C ILE D 67 9.52 15.92 -10.71
N GLN D 68 10.80 15.65 -10.97
CA GLN D 68 11.63 16.50 -11.83
C GLN D 68 10.93 16.79 -13.14
N ARG D 69 10.38 15.75 -13.75
CA ARG D 69 9.69 15.95 -14.99
C ARG D 69 8.52 16.90 -14.80
N ASP D 70 7.68 16.65 -13.79
CA ASP D 70 6.54 17.52 -13.58
C ASP D 70 7.01 18.97 -13.50
N PHE D 71 8.12 19.20 -12.80
CA PHE D 71 8.65 20.57 -12.64
C PHE D 71 9.24 21.15 -13.91
N LYS D 72 9.89 20.32 -14.71
CA LYS D 72 10.46 20.82 -15.96
C LYS D 72 9.33 21.41 -16.80
N GLY D 73 8.14 20.85 -16.65
CA GLY D 73 7.00 21.36 -17.39
C GLY D 73 6.37 22.52 -16.67
N LEU D 74 6.56 22.61 -15.36
CA LEU D 74 5.98 23.69 -14.58
C LEU D 74 6.52 25.05 -15.00
N PRO D 75 5.61 26.02 -15.28
CA PRO D 75 5.73 27.42 -15.72
C PRO D 75 6.91 28.29 -15.23
N PRO D 76 7.94 28.45 -16.10
CA PRO D 76 8.01 27.88 -17.44
C PRO D 76 8.39 26.39 -17.46
N LYS E 21 -18.25 -5.22 -2.28
CA LYS E 21 -17.93 -5.16 -0.84
C LYS E 21 -16.46 -4.99 -0.54
N LYS E 22 -16.14 -3.92 0.18
CA LYS E 22 -14.78 -3.63 0.60
C LYS E 22 -15.01 -3.57 2.12
N GLN E 23 -13.96 -3.70 2.93
CA GLN E 23 -14.19 -3.64 4.38
C GLN E 23 -14.49 -2.20 4.78
N VAL E 24 -14.18 -1.84 6.01
CA VAL E 24 -14.40 -0.48 6.46
C VAL E 24 -13.22 0.05 7.29
N THR E 25 -12.27 0.69 6.63
CA THR E 25 -11.11 1.22 7.33
C THR E 25 -11.45 1.61 8.76
N ASN E 26 -10.54 1.35 9.71
CA ASN E 26 -10.79 1.70 11.12
C ASN E 26 -10.09 3.00 11.43
N PRO E 27 -10.82 4.01 11.91
CA PRO E 27 -10.27 5.32 12.23
C PRO E 27 -9.32 5.44 13.40
N ILE E 28 -8.10 5.92 13.15
CA ILE E 28 -7.18 6.15 14.25
C ILE E 28 -7.71 7.51 14.69
N ASP E 29 -7.73 7.80 15.99
CA ASP E 29 -8.31 9.08 16.39
C ASP E 29 -8.09 9.48 17.84
N GLU E 30 -8.56 10.68 18.17
CA GLU E 30 -8.50 11.26 19.52
C GLU E 30 -7.16 11.30 20.26
N LYS E 31 -7.24 11.25 21.59
CA LYS E 31 -6.09 11.27 22.46
C LYS E 31 -5.24 9.99 22.34
N ASN E 32 -5.86 8.85 22.67
CA ASN E 32 -5.19 7.55 22.59
C ASN E 32 -4.27 7.41 21.38
N GLY E 33 -4.76 7.83 20.20
CA GLY E 33 -3.97 7.69 19.00
C GLY E 33 -4.05 6.23 18.55
N THR E 34 -5.06 5.54 19.07
CA THR E 34 -5.29 4.13 18.75
C THR E 34 -6.42 4.06 17.73
N SER E 35 -6.41 3.03 16.90
CA SER E 35 -7.46 2.93 15.90
C SER E 35 -8.60 2.02 16.28
N ASN E 36 -9.75 2.62 16.58
CA ASN E 36 -10.91 1.86 16.95
C ASN E 36 -11.19 0.76 15.96
N CYS E 37 -11.30 -0.46 16.46
CA CYS E 37 -11.57 -1.59 15.59
C CYS E 37 -12.89 -2.29 15.83
N ILE E 38 -13.72 -1.83 16.76
CA ILE E 38 -14.99 -2.54 16.92
C ILE E 38 -16.04 -1.84 16.05
N VAL E 39 -16.84 -2.66 15.38
CA VAL E 39 -17.85 -2.18 14.46
C VAL E 39 -19.16 -2.96 14.57
N ARG E 40 -20.26 -2.25 14.68
CA ARG E 40 -21.57 -2.87 14.77
C ARG E 40 -21.97 -3.14 13.34
N VAL E 41 -22.40 -4.36 13.04
CA VAL E 41 -22.77 -4.74 11.68
C VAL E 41 -24.09 -5.50 11.54
N PRO E 42 -25.16 -4.81 11.09
CA PRO E 42 -26.46 -5.47 10.94
C PRO E 42 -26.43 -6.43 9.76
N ILE E 43 -26.90 -7.64 10.00
CA ILE E 43 -26.97 -8.66 8.97
C ILE E 43 -28.29 -9.41 9.07
N ALA E 44 -28.74 -9.90 7.94
CA ALA E 44 -29.97 -10.66 7.89
C ALA E 44 -29.46 -12.00 7.37
N LEU E 45 -29.88 -13.10 7.97
CA LEU E 45 -29.40 -14.38 7.51
C LEU E 45 -30.47 -15.43 7.36
N TYR E 46 -30.25 -16.32 6.37
CA TYR E 46 -31.15 -17.43 6.06
C TYR E 46 -30.54 -18.70 6.64
N VAL E 47 -31.05 -19.08 7.80
CA VAL E 47 -30.57 -20.22 8.55
C VAL E 47 -31.36 -21.51 8.34
N SER E 48 -30.67 -22.62 8.59
CA SER E 48 -31.20 -23.98 8.48
C SER E 48 -31.66 -24.42 9.86
N LEU E 49 -32.86 -23.98 10.25
CA LEU E 49 -33.38 -24.32 11.56
C LEU E 49 -33.40 -25.83 11.79
N ALA E 50 -33.32 -26.23 13.06
CA ALA E 50 -33.32 -27.64 13.41
C ALA E 50 -34.74 -28.05 13.78
N PRO E 51 -35.15 -29.28 13.42
CA PRO E 51 -36.49 -29.77 13.71
C PRO E 51 -36.80 -29.66 15.20
N TYR E 53 -35.85 -27.55 17.18
CA TYR E 53 -36.08 -26.16 17.56
C TYR E 53 -37.32 -25.48 16.98
N LEU E 54 -38.26 -26.26 16.46
CA LEU E 54 -39.47 -25.65 15.94
C LEU E 54 -40.28 -25.16 17.14
N GLU E 55 -41.25 -24.30 16.87
CA GLU E 55 -42.09 -23.73 17.92
C GLU E 55 -41.27 -22.85 18.84
N ASN E 56 -39.99 -22.71 18.52
CA ASN E 56 -39.07 -21.86 19.28
C ASN E 56 -37.76 -21.72 18.51
N PRO E 57 -37.79 -21.08 17.32
CA PRO E 57 -36.62 -20.87 16.46
C PRO E 57 -35.64 -19.85 17.02
N LEU E 58 -36.12 -19.00 17.91
CA LEU E 58 -35.28 -17.98 18.52
C LEU E 58 -34.08 -18.70 19.13
N GLN E 59 -34.37 -19.60 20.08
CA GLN E 59 -33.35 -20.40 20.75
C GLN E 59 -32.69 -21.36 19.76
N GLY E 60 -33.29 -21.52 18.61
CA GLY E 60 -32.73 -22.41 17.62
C GLY E 60 -31.56 -21.73 16.94
N VAL E 61 -31.81 -20.54 16.38
CA VAL E 61 -30.79 -19.79 15.67
C VAL E 61 -29.60 -19.46 16.56
N LYS E 63 -28.08 -21.26 18.18
CA LYS E 63 -27.25 -22.47 18.15
C LYS E 63 -26.69 -22.49 16.72
N GLN E 64 -26.66 -21.30 16.13
CA GLN E 64 -26.17 -21.02 14.79
C GLN E 64 -25.30 -19.78 14.95
N HIS E 65 -25.53 -19.09 16.06
CA HIS E 65 -24.84 -17.87 16.43
C HIS E 65 -23.87 -18.04 17.56
N LEU E 66 -24.44 -18.32 18.73
CA LEU E 66 -23.74 -18.46 19.99
C LEU E 66 -22.31 -18.95 19.99
N ASN E 67 -22.09 -20.14 20.52
CA ASN E 67 -20.74 -20.66 20.54
C ASN E 67 -20.26 -20.61 19.10
N PRO E 68 -21.06 -21.17 18.17
CA PRO E 68 -20.66 -21.17 16.77
C PRO E 68 -19.87 -19.96 16.35
N LEU E 69 -20.28 -18.77 16.79
CA LEU E 69 -19.57 -17.58 16.36
C LEU E 69 -18.91 -16.71 17.42
N VAL E 70 -19.39 -16.75 18.65
CA VAL E 70 -18.82 -15.90 19.68
C VAL E 70 -17.33 -16.13 19.87
N LYS E 72 -14.99 -16.11 18.01
CA LYS E 72 -14.34 -16.79 16.89
C LYS E 72 -14.34 -15.91 15.65
N TYR E 73 -13.23 -15.93 14.91
CA TYR E 73 -13.11 -15.12 13.72
C TYR E 73 -14.00 -15.65 12.63
N ASN E 74 -14.60 -14.74 11.87
CA ASN E 74 -15.48 -15.10 10.79
C ASN E 74 -14.97 -14.42 9.54
N ASN E 75 -15.16 -15.05 8.39
CA ASN E 75 -14.66 -14.49 7.13
C ASN E 75 -15.58 -13.56 6.38
N LYS E 76 -16.88 -13.78 6.51
CA LYS E 76 -17.84 -12.93 5.84
C LYS E 76 -17.75 -11.53 6.44
N VAL E 77 -17.67 -11.43 7.77
CA VAL E 77 -17.59 -10.14 8.44
C VAL E 77 -16.15 -9.73 8.71
N GLY E 78 -15.23 -10.62 8.39
CA GLY E 78 -13.81 -10.36 8.52
C GLY E 78 -13.27 -9.95 9.86
N GLY E 79 -13.51 -10.75 10.89
CA GLY E 79 -13.03 -10.40 12.21
C GLY E 79 -13.68 -11.21 13.33
N VAL E 80 -13.35 -10.89 14.57
CA VAL E 80 -13.94 -11.67 15.63
C VAL E 80 -15.31 -11.14 15.98
N VAL E 81 -16.26 -12.06 16.10
CA VAL E 81 -17.62 -11.72 16.47
C VAL E 81 -17.71 -11.72 18.00
N LEU E 82 -17.68 -10.54 18.62
CA LEU E 82 -17.76 -10.43 20.06
C LEU E 82 -19.10 -10.95 20.56
N GLY E 83 -20.10 -10.91 19.68
CA GLY E 83 -21.43 -11.37 20.04
C GLY E 83 -22.51 -10.81 19.12
N TYR E 84 -23.75 -10.90 19.57
CA TYR E 84 -24.83 -10.39 18.75
C TYR E 84 -25.87 -9.77 19.66
N GLU E 85 -26.72 -8.95 19.07
CA GLU E 85 -27.73 -8.24 19.82
C GLU E 85 -28.97 -8.03 18.97
N GLY E 86 -30.13 -8.09 19.61
CA GLY E 86 -31.40 -7.86 18.92
C GLY E 86 -31.83 -8.89 17.90
N LEU E 87 -31.55 -10.15 18.18
CA LEU E 87 -31.92 -11.22 17.27
C LEU E 87 -33.43 -11.16 17.06
N LYS E 88 -33.81 -11.07 15.80
CA LYS E 88 -35.22 -11.00 15.43
C LYS E 88 -35.50 -12.10 14.43
N ILE E 89 -36.14 -13.15 14.91
CA ILE E 89 -36.46 -14.29 14.07
C ILE E 89 -37.65 -13.88 13.23
N LEU E 90 -38.50 -13.08 13.84
CA LEU E 90 -39.74 -12.57 13.24
C LEU E 90 -39.63 -12.23 11.75
N ASP E 91 -38.41 -12.14 11.24
CA ASP E 91 -38.17 -11.81 9.84
C ASP E 91 -38.86 -12.81 8.93
N ALA E 92 -40.07 -13.18 9.30
CA ALA E 92 -40.89 -14.12 8.55
C ALA E 92 -42.22 -14.25 9.27
N ASP E 93 -43.31 -14.12 8.53
CA ASP E 93 -44.63 -14.25 9.13
C ASP E 93 -45.77 -14.15 8.14
N PRO E 94 -45.92 -15.16 7.27
CA PRO E 94 -47.02 -15.12 6.30
C PRO E 94 -48.36 -15.26 7.04
N LEU E 95 -48.26 -15.30 8.38
CA LEU E 95 -49.42 -15.42 9.26
C LEU E 95 -49.43 -14.27 10.24
N GLY E 114 -38.12 -26.09 7.57
CA GLY E 114 -36.71 -26.39 7.76
C GLY E 114 -35.87 -25.14 7.84
N PHE E 115 -36.22 -24.12 7.05
CA PHE E 115 -35.46 -22.87 7.05
C PHE E 115 -36.29 -21.68 7.51
N THR E 116 -35.63 -20.52 7.57
CA THR E 116 -36.26 -19.27 8.00
C THR E 116 -35.28 -18.10 7.87
N TRP E 117 -35.82 -16.89 7.88
CA TRP E 117 -34.99 -15.69 7.82
C TRP E 117 -35.00 -15.09 9.22
N CYS E 118 -33.97 -14.32 9.53
CA CYS E 118 -33.87 -13.68 10.83
C CYS E 118 -32.92 -12.53 10.65
N HIS E 119 -32.92 -11.63 11.64
CA HIS E 119 -32.06 -10.45 11.59
C HIS E 119 -31.38 -10.20 12.93
N VAL E 120 -30.09 -9.91 12.88
CA VAL E 120 -29.37 -9.66 14.11
C VAL E 120 -28.24 -8.68 13.88
N ASN E 121 -27.73 -8.14 14.98
CA ASN E 121 -26.65 -7.17 14.94
C ASN E 121 -25.38 -7.68 15.59
N LEU E 122 -24.39 -8.00 14.77
CA LEU E 122 -23.13 -8.50 15.31
C LEU E 122 -22.21 -7.35 15.70
N TYR E 123 -21.40 -7.57 16.73
CA TYR E 123 -20.38 -6.61 17.15
C TYR E 123 -19.08 -7.32 16.76
N VAL E 124 -18.17 -6.60 16.11
CA VAL E 124 -16.96 -7.25 15.60
C VAL E 124 -15.57 -6.64 15.78
N TRP E 125 -14.69 -7.32 16.52
CA TRP E 125 -13.31 -6.87 16.67
C TRP E 125 -12.77 -7.13 15.24
N GLN E 126 -12.44 -6.04 14.56
CA GLN E 126 -12.04 -6.05 13.16
C GLN E 126 -10.69 -5.38 12.84
N PRO E 127 -9.60 -5.83 13.47
CA PRO E 127 -8.26 -5.26 13.23
C PRO E 127 -7.82 -5.53 11.80
N GLN E 128 -7.18 -4.54 11.19
CA GLN E 128 -6.70 -4.63 9.82
C GLN E 128 -5.24 -4.19 9.76
N VAL E 129 -4.57 -4.55 8.70
CA VAL E 129 -3.18 -4.17 8.54
C VAL E 129 -3.08 -2.64 8.61
N GLY E 130 -2.02 -2.13 9.23
CA GLY E 130 -1.84 -0.68 9.29
C GLY E 130 -2.48 0.02 10.49
N ASP E 131 -3.31 -0.70 11.23
CA ASP E 131 -3.97 -0.15 12.40
C ASP E 131 -3.01 -0.04 13.60
N VAL E 132 -3.22 0.96 14.43
CA VAL E 132 -2.39 1.15 15.61
C VAL E 132 -3.11 0.66 16.89
N LEU E 133 -2.82 -0.57 17.30
CA LEU E 133 -3.42 -1.13 18.50
C LEU E 133 -2.53 -1.00 19.73
N GLU E 134 -3.01 -1.52 20.86
CA GLU E 134 -2.26 -1.51 22.11
C GLU E 134 -2.38 -2.90 22.75
N GLY E 135 -1.36 -3.30 23.51
CA GLY E 135 -1.41 -4.61 24.12
C GLY E 135 -0.63 -4.75 25.40
N TYR E 136 -1.10 -5.63 26.27
CA TYR E 136 -0.40 -5.88 27.53
C TYR E 136 0.67 -6.88 27.19
N ILE E 137 1.73 -6.88 27.99
CA ILE E 137 2.80 -7.82 27.74
C ILE E 137 2.50 -9.17 28.38
N PHE E 138 2.30 -10.18 27.55
CA PHE E 138 2.04 -11.54 28.00
C PHE E 138 3.44 -12.12 27.79
N ILE E 139 3.63 -13.43 27.91
CA ILE E 139 4.95 -14.03 27.69
C ILE E 139 5.97 -13.32 26.75
N GLN E 140 7.17 -13.05 27.25
CA GLN E 140 8.22 -12.43 26.44
C GLN E 140 9.49 -13.31 26.46
N SER E 141 10.20 -13.39 25.32
CA SER E 141 11.41 -14.21 25.21
C SER E 141 12.38 -13.68 24.16
N ALA E 142 13.68 -13.82 24.44
CA ALA E 142 14.79 -13.38 23.59
C ALA E 142 14.52 -13.06 22.12
N SER E 143 13.63 -13.82 21.52
CA SER E 143 13.20 -13.63 20.14
C SER E 143 11.71 -13.71 20.35
N HIS E 144 10.98 -12.67 19.95
CA HIS E 144 9.51 -12.63 20.08
C HIS E 144 8.78 -12.23 21.35
N ILE E 145 8.32 -10.98 21.40
CA ILE E 145 7.52 -10.48 22.53
C ILE E 145 6.02 -10.79 22.29
N GLY E 146 5.35 -11.40 23.26
CA GLY E 146 3.93 -11.71 23.07
C GLY E 146 3.07 -10.61 23.66
N LEU E 147 1.86 -10.45 23.16
CA LEU E 147 0.95 -9.43 23.70
C LEU E 147 -0.48 -9.93 23.80
N LEU E 148 -1.30 -9.21 24.57
CA LEU E 148 -2.71 -9.52 24.72
C LEU E 148 -3.47 -8.22 24.56
N ILE E 149 -4.28 -8.13 23.50
CA ILE E 149 -5.05 -6.91 23.21
C ILE E 149 -6.37 -7.04 23.95
N HIS E 150 -6.69 -6.00 24.71
CA HIS E 150 -7.89 -5.99 25.51
C HIS E 150 -7.80 -7.26 26.34
N ASP E 151 -6.59 -7.58 26.76
CA ASP E 151 -6.38 -8.78 27.57
C ASP E 151 -7.09 -10.02 27.00
N ALA E 152 -7.22 -10.11 25.68
CA ALA E 152 -7.92 -11.27 25.15
C ALA E 152 -7.48 -11.79 23.81
N PHE E 153 -6.94 -10.92 22.95
CA PHE E 153 -6.49 -11.37 21.62
C PHE E 153 -4.97 -11.44 21.47
N ASN E 154 -4.51 -12.58 20.95
CA ASN E 154 -3.08 -12.82 20.75
C ASN E 154 -2.42 -11.89 19.74
N ALA E 155 -1.37 -11.23 20.18
CA ALA E 155 -0.62 -10.34 19.32
C ALA E 155 0.81 -10.72 19.63
N SER E 156 1.71 -10.40 18.72
CA SER E 156 3.11 -10.73 18.93
C SER E 156 4.00 -10.07 17.91
N ILE E 157 5.14 -9.58 18.38
CA ILE E 157 6.08 -8.93 17.50
C ILE E 157 7.36 -9.79 17.47
N LYS E 158 7.86 -10.05 16.26
CA LYS E 158 9.07 -10.86 16.07
C LYS E 158 10.31 -10.06 16.43
N LYS E 159 11.42 -10.76 16.57
CA LYS E 159 12.70 -10.14 16.93
C LYS E 159 13.05 -9.00 15.97
N ASN E 160 12.89 -9.25 14.68
CA ASN E 160 13.18 -8.27 13.63
C ASN E 160 12.50 -6.95 13.90
N ASN E 161 11.22 -7.02 14.26
CA ASN E 161 10.40 -5.84 14.52
C ASN E 161 10.62 -5.17 15.88
N ILE E 162 11.62 -5.62 16.64
CA ILE E 162 11.92 -5.04 17.95
C ILE E 162 12.99 -3.94 17.83
N PRO E 163 12.78 -2.79 18.51
CA PRO E 163 13.66 -1.63 18.51
C PRO E 163 15.16 -1.78 18.17
N VAL E 164 15.76 -2.90 18.56
CA VAL E 164 17.19 -3.18 18.30
C VAL E 164 18.17 -2.52 19.27
N ASP E 165 17.69 -1.56 20.05
CA ASP E 165 18.55 -0.93 21.02
C ASP E 165 17.98 -1.41 22.35
N TRP E 166 17.02 -2.32 22.25
CA TRP E 166 16.37 -2.95 23.39
C TRP E 166 17.21 -4.18 23.69
N THR E 167 17.42 -4.45 24.98
CA THR E 167 18.25 -5.58 25.36
C THR E 167 17.49 -6.58 26.19
N PHE E 168 17.74 -7.85 25.91
CA PHE E 168 17.09 -8.93 26.63
C PHE E 168 18.03 -9.57 27.65
N VAL E 169 17.71 -9.39 28.92
CA VAL E 169 18.50 -9.91 30.03
C VAL E 169 17.71 -10.91 30.88
N HIS E 170 18.42 -11.62 31.76
CA HIS E 170 17.78 -12.55 32.67
C HIS E 170 17.95 -11.98 34.07
N ASN E 171 17.02 -12.32 34.97
CA ASN E 171 17.06 -11.82 36.35
C ASN E 171 17.64 -12.88 37.30
N ASP E 172 18.70 -12.51 38.02
CA ASP E 172 19.36 -13.43 38.94
C ASP E 172 19.96 -14.56 38.12
N GLY E 173 20.48 -14.18 36.96
CA GLY E 173 21.12 -15.10 36.05
C GLY E 173 20.42 -16.42 35.75
N ASN E 174 19.11 -16.49 35.88
CA ASN E 174 18.41 -17.74 35.60
C ASN E 174 17.32 -17.67 34.53
N ARG E 175 17.13 -18.79 33.84
CA ARG E 175 16.10 -18.92 32.82
C ARG E 175 14.81 -18.71 33.58
N SER E 176 13.68 -18.99 32.96
CA SER E 176 12.38 -18.81 33.62
C SER E 176 12.25 -17.38 34.12
N LEU E 177 12.97 -16.43 33.51
CA LEU E 177 12.90 -15.05 33.97
C LEU E 177 13.53 -14.00 33.07
N GLY E 178 13.58 -14.27 31.76
CA GLY E 178 14.15 -13.30 30.83
C GLY E 178 13.15 -12.16 30.63
N HIS E 179 13.59 -10.89 30.57
CA HIS E 179 12.61 -9.83 30.44
C HIS E 179 12.72 -8.54 29.62
N TRP E 180 13.51 -8.51 28.56
CA TRP E 180 13.58 -7.33 27.69
C TRP E 180 13.50 -5.86 28.11
N VAL E 181 14.63 -5.29 28.49
CA VAL E 181 14.70 -3.88 28.88
C VAL E 181 15.19 -3.01 27.71
N ASP E 182 14.66 -1.80 27.59
CA ASP E 182 15.04 -0.92 26.48
C ASP E 182 16.44 -0.32 26.61
N SER E 183 16.84 0.43 25.60
CA SER E 183 18.15 1.07 25.56
C SER E 183 18.52 1.71 26.90
N ASN E 184 17.71 2.66 27.35
CA ASN E 184 17.97 3.36 28.61
C ASN E 184 17.94 2.42 29.80
N GLY E 185 17.00 1.48 29.81
CA GLY E 185 16.98 0.53 30.90
C GLY E 185 15.84 0.50 31.89
N GLU E 186 14.62 0.31 31.38
CA GLU E 186 13.45 0.19 32.23
C GLU E 186 12.89 -1.14 31.72
N PRO E 187 12.56 -2.07 32.62
CA PRO E 187 12.04 -3.30 32.03
C PRO E 187 10.78 -2.96 31.26
N ILE E 188 10.70 -3.46 30.04
CA ILE E 188 9.55 -3.22 29.18
C ILE E 188 8.33 -2.87 30.05
N ASP E 189 7.73 -1.72 29.75
CA ASP E 189 6.56 -1.18 30.46
C ASP E 189 5.51 -2.13 31.05
N GLY E 190 4.48 -2.42 30.26
CA GLY E 190 3.41 -3.29 30.69
C GLY E 190 2.37 -3.33 29.58
N LYS E 191 2.17 -2.17 28.95
CA LYS E 191 1.24 -2.01 27.81
C LYS E 191 1.96 -1.35 26.62
N LEU E 192 2.09 -2.07 25.52
CA LEU E 192 2.79 -1.57 24.34
C LEU E 192 1.95 -1.08 23.18
N ARG E 193 2.45 -0.04 22.52
CA ARG E 193 1.82 0.57 21.36
C ARG E 193 2.54 0.02 20.11
N PHE E 194 1.78 -0.51 19.15
CA PHE E 194 2.37 -1.11 17.96
C PHE E 194 1.38 -1.12 16.79
N THR E 195 1.90 -1.08 15.55
CA THR E 195 1.03 -1.06 14.37
C THR E 195 0.89 -2.44 13.75
N VAL E 196 -0.32 -2.83 13.41
CA VAL E 196 -0.55 -4.16 12.87
C VAL E 196 0.15 -4.28 11.54
N ARG E 197 0.80 -5.41 11.32
CA ARG E 197 1.51 -5.66 10.06
C ARG E 197 0.90 -6.89 9.36
N ASN E 198 0.06 -7.63 10.07
CA ASN E 198 -0.57 -8.83 9.53
C ASN E 198 -1.56 -9.47 10.52
N VAL E 199 -2.73 -9.87 10.05
CA VAL E 199 -3.71 -10.50 10.91
C VAL E 199 -3.82 -11.97 10.52
N HIS E 200 -3.34 -12.87 11.37
CA HIS E 200 -3.40 -14.28 11.02
C HIS E 200 -4.65 -15.04 11.43
N THR E 201 -5.60 -15.13 10.51
CA THR E 201 -6.84 -15.87 10.74
C THR E 201 -6.50 -17.33 10.48
N THR E 202 -6.83 -18.24 11.39
CA THR E 202 -6.49 -19.63 11.12
C THR E 202 -6.92 -20.66 12.18
N GLY E 203 -8.00 -21.39 11.84
CA GLY E 203 -8.53 -22.42 12.72
C GLY E 203 -8.92 -21.92 14.10
N ARG E 204 -7.93 -21.80 14.96
CA ARG E 204 -8.16 -21.35 16.32
C ARG E 204 -7.98 -19.84 16.41
N VAL E 205 -7.87 -19.34 17.65
CA VAL E 205 -7.70 -17.92 17.92
C VAL E 205 -6.94 -17.17 16.82
N VAL E 206 -7.40 -15.95 16.55
CA VAL E 206 -6.76 -15.11 15.56
C VAL E 206 -5.52 -14.55 16.22
N SER E 207 -4.48 -14.31 15.44
CA SER E 207 -3.25 -13.78 16.00
C SER E 207 -2.72 -12.58 15.20
N VAL E 208 -2.64 -11.43 15.85
CA VAL E 208 -2.16 -10.23 15.20
C VAL E 208 -0.64 -10.18 15.23
N ASP E 209 -0.06 -9.94 14.06
CA ASP E 209 1.39 -9.85 13.92
C ASP E 209 1.73 -8.38 13.85
N GLY E 210 2.39 -7.85 14.87
CA GLY E 210 2.69 -6.44 14.84
C GLY E 210 4.15 -6.08 14.80
N THR E 211 4.40 -4.78 14.89
CA THR E 211 5.75 -4.27 14.87
C THR E 211 5.87 -2.92 15.58
N LEU E 212 6.94 -2.79 16.35
CA LEU E 212 7.24 -1.61 17.14
C LEU E 212 8.06 -0.51 16.44
N ILE E 213 8.28 -0.61 15.13
CA ILE E 213 9.06 0.40 14.40
C ILE E 213 8.90 1.84 14.93
N ASN F 17 -22.71 -29.44 7.12
CA ASN F 17 -22.16 -28.13 6.69
C ASN F 17 -23.26 -27.33 5.98
N THR F 18 -24.37 -27.09 6.66
CA THR F 18 -25.48 -26.33 6.07
C THR F 18 -25.10 -24.85 6.03
N PRO F 19 -24.43 -24.41 4.94
CA PRO F 19 -24.02 -23.01 4.82
C PRO F 19 -25.16 -22.03 4.99
N VAL F 20 -24.94 -21.02 5.83
CA VAL F 20 -25.93 -19.99 6.07
C VAL F 20 -25.57 -18.74 5.28
N VAL F 21 -26.56 -18.13 4.63
CA VAL F 21 -26.33 -16.92 3.83
C VAL F 21 -26.48 -15.65 4.67
N ILE F 22 -25.50 -14.78 4.53
CA ILE F 22 -25.48 -13.54 5.30
C ILE F 22 -25.51 -12.32 4.40
N HIS F 23 -26.40 -11.39 4.72
CA HIS F 23 -26.55 -10.13 3.97
C HIS F 23 -26.48 -8.96 4.92
N ALA F 24 -25.67 -7.97 4.55
CA ALA F 24 -25.56 -6.77 5.36
C ALA F 24 -26.82 -5.99 5.04
N THR F 25 -27.44 -5.41 6.06
CA THR F 25 -28.64 -4.62 5.88
C THR F 25 -28.32 -3.14 6.12
N GLN F 26 -27.08 -2.89 6.56
CA GLN F 26 -26.58 -1.55 6.83
C GLN F 26 -25.10 -1.65 6.54
N LEU F 27 -24.42 -0.52 6.53
CA LEU F 27 -23.00 -0.55 6.33
C LEU F 27 -22.45 -0.50 7.75
N PRO F 28 -21.35 -1.23 8.01
CA PRO F 28 -20.66 -1.33 9.29
C PRO F 28 -20.39 0.01 9.98
N GLN F 29 -20.90 0.13 11.20
CA GLN F 29 -20.74 1.35 11.94
C GLN F 29 -19.79 1.12 13.08
N HIS F 30 -18.84 2.03 13.27
CA HIS F 30 -17.92 1.89 14.39
C HIS F 30 -18.70 2.36 15.60
N VAL F 31 -18.60 1.61 16.68
CA VAL F 31 -19.29 1.93 17.92
C VAL F 31 -18.29 2.54 18.90
N SER F 32 -18.74 3.47 19.73
CA SER F 32 -17.85 4.14 20.68
C SER F 32 -17.44 3.25 21.82
N THR F 33 -16.36 3.65 22.49
CA THR F 33 -15.85 2.87 23.60
C THR F 33 -16.88 2.71 24.71
N ASP F 34 -17.82 3.65 24.78
CA ASP F 34 -18.85 3.62 25.79
C ASP F 34 -20.05 2.76 25.37
N GLU F 35 -20.26 2.59 24.07
CA GLU F 35 -21.38 1.77 23.60
C GLU F 35 -21.01 0.30 23.61
N VAL F 36 -19.71 0.03 23.49
CA VAL F 36 -19.20 -1.36 23.51
C VAL F 36 -19.33 -1.82 24.97
N LEU F 37 -18.91 -0.96 25.88
CA LEU F 37 -18.95 -1.23 27.30
C LEU F 37 -20.37 -1.56 27.77
N GLN F 38 -21.37 -1.02 27.07
CA GLN F 38 -22.77 -1.25 27.41
C GLN F 38 -23.30 -2.51 26.76
N PHE F 39 -22.80 -2.76 25.56
CA PHE F 39 -23.20 -3.93 24.82
C PHE F 39 -22.75 -5.16 25.55
N LEU F 40 -21.52 -5.12 26.05
CA LEU F 40 -20.99 -6.27 26.75
C LEU F 40 -21.80 -6.53 28.01
N GLU F 41 -21.93 -5.51 28.86
CA GLU F 41 -22.68 -5.65 30.09
C GLU F 41 -23.99 -6.35 29.83
N SER F 42 -24.70 -5.90 28.81
CA SER F 42 -25.98 -6.50 28.47
C SER F 42 -25.93 -7.85 27.76
N PHE F 43 -24.83 -8.17 27.10
CA PHE F 43 -24.75 -9.45 26.37
C PHE F 43 -24.17 -10.55 27.20
N ILE F 44 -23.28 -10.17 28.12
CA ILE F 44 -22.66 -11.13 29.02
C ILE F 44 -23.76 -11.56 29.98
N ASP F 45 -24.28 -10.59 30.71
CA ASP F 45 -25.37 -10.77 31.66
C ASP F 45 -26.51 -11.57 31.02
N GLU F 46 -26.82 -11.29 29.76
CA GLU F 46 -27.89 -11.99 29.06
C GLU F 46 -27.56 -13.46 28.81
N LYS F 47 -26.33 -13.72 28.36
CA LYS F 47 -25.89 -15.09 28.08
C LYS F 47 -25.50 -15.89 29.31
N GLU F 48 -24.98 -15.22 30.32
CA GLU F 48 -24.57 -15.87 31.55
C GLU F 48 -25.80 -16.13 32.42
N ASN F 49 -26.94 -15.60 32.01
CA ASN F 49 -28.19 -15.75 32.74
C ASN F 49 -28.68 -17.19 32.66
N ILE F 50 -29.39 -17.63 33.70
CA ILE F 50 -29.90 -19.00 33.74
C ILE F 50 -30.75 -19.26 32.50
N ILE F 51 -31.38 -20.43 32.41
CA ILE F 51 -32.12 -20.77 31.20
C ILE F 51 -30.92 -20.64 30.27
N ASP F 52 -29.90 -21.41 30.64
CA ASP F 52 -28.58 -21.40 30.02
C ASP F 52 -28.20 -22.31 28.85
N ILE F 53 -27.04 -21.95 28.28
CA ILE F 53 -26.39 -22.59 27.15
C ILE F 53 -24.86 -22.56 27.37
N ASP F 54 -24.31 -23.60 27.97
CA ASP F 54 -22.87 -23.64 28.23
C ASP F 54 -22.11 -23.70 26.91
N THR F 55 -22.02 -24.90 26.35
CA THR F 55 -21.32 -25.19 25.09
C THR F 55 -20.09 -24.34 24.80
N ASN F 56 -19.14 -24.33 25.72
CA ASN F 56 -17.91 -23.56 25.56
C ASN F 56 -18.16 -22.06 25.38
N LEU F 57 -19.42 -21.65 25.54
CA LEU F 57 -19.76 -20.24 25.44
C LEU F 57 -19.34 -19.72 26.81
N SER F 58 -19.21 -20.65 27.74
CA SER F 58 -18.82 -20.32 29.09
C SER F 58 -17.42 -19.75 29.13
N SER F 59 -16.53 -20.32 28.32
CA SER F 59 -15.17 -19.80 28.30
C SER F 59 -15.19 -18.53 27.48
N SER F 60 -15.94 -18.56 26.38
CA SER F 60 -16.05 -17.39 25.51
C SER F 60 -16.41 -16.22 26.40
N ILE F 61 -17.55 -16.31 27.08
CA ILE F 61 -18.01 -15.26 27.99
C ILE F 61 -16.91 -14.77 28.95
N SER F 62 -16.16 -15.70 29.51
CA SER F 62 -15.09 -15.38 30.44
C SER F 62 -14.10 -14.46 29.75
N GLN F 63 -13.88 -14.72 28.46
CA GLN F 63 -12.96 -13.94 27.65
C GLN F 63 -13.51 -12.54 27.48
N LEU F 64 -14.82 -12.46 27.23
CA LEU F 64 -15.48 -11.18 27.06
C LEU F 64 -15.37 -10.38 28.34
N LYS F 65 -15.50 -11.04 29.47
CA LYS F 65 -15.39 -10.33 30.72
C LYS F 65 -14.02 -9.69 30.84
N ARG F 66 -13.01 -10.30 30.22
CA ARG F 66 -11.64 -9.75 30.29
C ARG F 66 -11.56 -8.55 29.39
N ILE F 67 -12.29 -8.62 28.28
CA ILE F 67 -12.35 -7.53 27.34
C ILE F 67 -13.06 -6.37 28.01
N GLN F 68 -14.22 -6.66 28.61
CA GLN F 68 -14.98 -5.66 29.32
C GLN F 68 -14.10 -4.94 30.36
N ARG F 69 -13.34 -5.69 31.14
CA ARG F 69 -12.50 -5.06 32.13
C ARG F 69 -11.49 -4.13 31.52
N ASP F 70 -10.94 -4.50 30.37
CA ASP F 70 -9.95 -3.64 29.73
C ASP F 70 -10.63 -2.32 29.39
N PHE F 71 -11.80 -2.42 28.76
CA PHE F 71 -12.56 -1.25 28.35
C PHE F 71 -13.00 -0.37 29.53
N LYS F 72 -13.31 -0.98 30.67
CA LYS F 72 -13.72 -0.19 31.82
C LYS F 72 -12.56 0.68 32.33
N GLY F 73 -11.34 0.30 31.98
CA GLY F 73 -10.19 1.06 32.40
C GLY F 73 -9.74 2.04 31.33
N LEU F 74 -10.14 1.80 30.08
CA LEU F 74 -9.76 2.67 28.95
C LEU F 74 -10.01 4.15 29.27
N PRO F 75 -8.94 4.90 29.60
CA PRO F 75 -9.02 6.33 29.92
C PRO F 75 -9.71 7.18 28.84
N PRO F 76 -10.47 8.20 29.26
CA PRO F 76 -10.72 8.58 30.65
C PRO F 76 -11.64 7.62 31.42
#